data_5VZ1
#
_entry.id   5VZ1
#
_cell.length_a   74.621
_cell.length_b   74.621
_cell.length_c   323.695
_cell.angle_alpha   90.00
_cell.angle_beta   90.00
_cell.angle_gamma   90.00
#
_symmetry.space_group_name_H-M   'P 41 2 2'
#
loop_
_entity.id
_entity.type
_entity.pdbx_description
1 polymer 'Apo Antibody Fab Light Chain'
2 polymer 'Apo Antibody Fab Heavy Chain'
3 non-polymer 'ZINC ION'
4 water water
#
loop_
_entity_poly.entity_id
_entity_poly.type
_entity_poly.pdbx_seq_one_letter_code
_entity_poly.pdbx_strand_id
1 'polypeptide(L)'
;SDIQMTQSPSSLSASVGDRVTITCRASQSVSSAVAWYQQKPGKAPKLLIYSASSLYSGVPSRFSGSRSGTDFTLTISSLQ
PEDFATYYCQQYSYSLVTFGQGTKVEIKRTVAAPSVFIFPPSDSQLKSGTASVVCLLNNFYPREAKVQWKVDNALQSGNS
QESVTEQDSKDSTYSLSSTLTLSKADYEKHKVYACEVTHQGLSSPVTKSFNRGEC
;
A,C
2 'polypeptide(L)'
;EISEVQLVESGGGLVQPGGSLRLSCAASGFNVYYYYIHWVRQAPGKGLEWVASISPYYGYTSYADSVKGRFTISADTSKN
TAYLQMNSLRAEDTAVYYCARWSYDQSMSYKSGMDYWGQGTLVTVSSASTKGPSVFPLAPSSKSTSGGTAALGCLVKDYF
PEPVTVSWNSGALTSGVHTFPAVLQSSGLYSLSSVVTVPSSSLGTQTYICNVNHKPSNTKVDKKVEPKSCDKTHT
;
B,D
#
loop_
_chem_comp.id
_chem_comp.type
_chem_comp.name
_chem_comp.formula
ZN non-polymer 'ZINC ION' 'Zn 2'
#
# COMPACT_ATOMS: atom_id res chain seq x y z
N THR A 6 5.77 5.67 -7.61
CA THR A 6 5.76 6.15 -6.24
C THR A 6 4.82 5.31 -5.38
N GLN A 7 3.99 4.50 -6.04
CA GLN A 7 3.13 3.56 -5.35
C GLN A 7 3.15 2.21 -6.06
N SER A 8 2.62 1.18 -5.40
CA SER A 8 2.56 -0.15 -5.99
C SER A 8 1.68 -0.16 -7.22
N PRO A 9 2.04 -0.97 -8.22
CA PRO A 9 1.22 -1.06 -9.44
C PRO A 9 -0.09 -1.81 -9.19
N SER A 10 -1.18 -1.32 -9.75
CA SER A 10 -2.46 -1.99 -9.64
C SER A 10 -2.44 -3.27 -10.48
N SER A 11 -3.19 -4.27 -10.05
CA SER A 11 -3.16 -5.58 -10.70
C SER A 11 -4.41 -5.84 -11.53
N LEU A 12 -4.21 -6.43 -12.72
CA LEU A 12 -5.32 -6.76 -13.61
C LEU A 12 -5.19 -8.19 -14.11
N SER A 13 -6.21 -9.00 -13.86
CA SER A 13 -6.21 -10.40 -14.28
C SER A 13 -6.91 -10.55 -15.63
N ALA A 14 -6.22 -11.16 -16.59
CA ALA A 14 -6.74 -11.29 -17.94
C ALA A 14 -6.32 -12.61 -18.58
N SER A 15 -6.92 -12.90 -19.73
CA SER A 15 -6.62 -14.12 -20.47
C SER A 15 -6.15 -13.79 -21.88
N VAL A 16 -5.52 -14.78 -22.54
CA VAL A 16 -5.12 -14.65 -23.93
C VAL A 16 -6.35 -14.40 -24.80
N GLY A 17 -6.29 -13.37 -25.63
CA GLY A 17 -7.39 -13.05 -26.52
C GLY A 17 -8.28 -11.94 -25.99
N ASP A 18 -8.09 -11.59 -24.71
CA ASP A 18 -8.86 -10.50 -24.10
C ASP A 18 -8.46 -9.15 -24.67
N ARG A 19 -9.39 -8.21 -24.65
CA ARG A 19 -9.07 -6.83 -24.99
C ARG A 19 -8.85 -6.03 -23.71
N VAL A 20 -7.78 -5.26 -23.67
CA VAL A 20 -7.43 -4.51 -22.46
C VAL A 20 -7.21 -3.04 -22.77
N THR A 21 -7.90 -2.17 -22.04
CA THR A 21 -7.76 -0.74 -22.20
C THR A 21 -7.28 -0.09 -20.91
N ILE A 22 -6.10 0.52 -20.97
CA ILE A 22 -5.53 1.19 -19.81
C ILE A 22 -5.68 2.71 -19.93
N THR A 23 -6.21 3.33 -18.88
CA THR A 23 -6.41 4.77 -18.86
C THR A 23 -5.31 5.48 -18.09
N CYS A 24 -4.67 6.44 -18.73
CA CYS A 24 -3.64 7.25 -18.07
C CYS A 24 -4.29 8.35 -17.24
N ARG A 25 -4.09 8.29 -15.93
CA ARG A 25 -4.68 9.28 -15.03
C ARG A 25 -3.94 10.61 -15.13
N ALA A 26 -4.54 11.56 -15.82
CA ALA A 26 -3.88 12.82 -16.15
C ALA A 26 -4.09 13.92 -15.11
N SER A 27 -3.41 15.04 -15.32
CA SER A 27 -3.50 16.18 -14.42
C SER A 27 -3.99 17.42 -15.16
N GLN A 28 -3.25 18.53 -15.01
CA GLN A 28 -3.56 19.75 -15.74
C GLN A 28 -3.11 19.64 -17.20
N SER A 29 -3.65 18.65 -17.89
CA SER A 29 -3.18 18.29 -19.22
C SER A 29 -3.61 19.28 -20.31
N VAL A 30 -4.68 18.94 -21.02
CA VAL A 30 -5.12 19.65 -22.22
C VAL A 30 -3.97 19.69 -23.24
N SER A 31 -2.96 20.51 -22.96
CA SER A 31 -1.76 20.55 -23.78
C SER A 31 -0.71 19.58 -23.24
N SER A 32 -0.98 18.29 -23.40
CA SER A 32 -0.07 17.26 -22.88
C SER A 32 0.13 16.15 -23.91
N ALA A 33 1.30 15.52 -23.87
CA ALA A 33 1.60 14.40 -24.76
C ALA A 33 1.92 13.15 -23.94
N VAL A 34 1.83 11.99 -24.58
CA VAL A 34 1.94 10.73 -23.85
C VAL A 34 2.92 9.75 -24.50
N ALA A 35 3.49 8.88 -23.67
CA ALA A 35 4.31 7.75 -24.12
C ALA A 35 4.03 6.55 -23.23
N TRP A 36 3.89 5.38 -23.84
CA TRP A 36 3.55 4.17 -23.09
C TRP A 36 4.72 3.20 -23.03
N TYR A 37 4.91 2.57 -21.87
CA TYR A 37 6.02 1.65 -21.68
C TYR A 37 5.57 0.31 -21.11
N GLN A 38 6.36 -0.72 -21.40
CA GLN A 38 6.08 -2.08 -20.95
C GLN A 38 7.28 -2.63 -20.21
N GLN A 39 7.09 -3.06 -18.97
CA GLN A 39 8.21 -3.57 -18.17
C GLN A 39 7.98 -4.97 -17.66
N LYS A 40 9.01 -5.81 -17.75
CA LYS A 40 8.96 -7.17 -17.24
C LYS A 40 9.96 -7.28 -16.08
N PRO A 41 9.70 -8.19 -15.13
CA PRO A 41 10.53 -8.32 -13.92
C PRO A 41 12.01 -8.46 -14.21
N GLY A 42 12.82 -7.62 -13.56
CA GLY A 42 14.26 -7.70 -13.68
C GLY A 42 14.84 -6.97 -14.87
N LYS A 43 13.99 -6.36 -15.67
CA LYS A 43 14.44 -5.70 -16.90
C LYS A 43 14.02 -4.24 -16.97
N ALA A 44 14.74 -3.46 -17.76
CA ALA A 44 14.38 -2.07 -18.02
C ALA A 44 13.09 -2.00 -18.82
N PRO A 45 12.33 -0.90 -18.67
CA PRO A 45 11.10 -0.71 -19.45
C PRO A 45 11.36 -0.63 -20.95
N LYS A 46 10.34 -0.93 -21.75
CA LYS A 46 10.44 -0.84 -23.20
C LYS A 46 9.40 0.13 -23.74
N LEU A 47 9.82 1.00 -24.66
CA LEU A 47 8.89 1.90 -25.33
C LEU A 47 7.92 1.10 -26.19
N LEU A 48 6.64 1.42 -26.07
CA LEU A 48 5.61 0.76 -26.87
C LEU A 48 5.25 1.56 -28.10
N ILE A 49 5.44 0.96 -29.27
CA ILE A 49 5.04 1.58 -30.53
C ILE A 49 3.62 1.17 -30.86
N TYR A 50 2.71 2.14 -30.89
CA TYR A 50 1.29 1.86 -31.12
C TYR A 50 0.71 2.71 -32.23
N SER A 51 -0.47 2.32 -32.70
CA SER A 51 -1.17 3.05 -33.74
C SER A 51 -2.57 3.43 -33.30
N SER A 61 0.58 -3.21 -34.36
CA SER A 61 -0.78 -2.75 -34.57
C SER A 61 -1.75 -3.41 -33.59
N ARG A 62 -1.23 -4.35 -32.81
CA ARG A 62 -1.99 -4.96 -31.73
C ARG A 62 -2.24 -3.92 -30.65
N PHE A 63 -1.31 -2.99 -30.54
CA PHE A 63 -1.42 -1.88 -29.60
C PHE A 63 -1.95 -0.64 -30.29
N SER A 64 -3.00 -0.05 -29.73
CA SER A 64 -3.55 1.20 -30.25
C SER A 64 -3.74 2.19 -29.10
N GLY A 65 -3.92 3.46 -29.44
CA GLY A 65 -4.09 4.49 -28.44
C GLY A 65 -4.85 5.69 -28.94
N SER A 66 -5.48 6.41 -28.01
CA SER A 66 -6.22 7.62 -28.34
C SER A 66 -6.40 8.50 -27.11
N ARG A 67 -6.89 9.71 -27.32
CA ARG A 67 -7.14 10.64 -26.22
C ARG A 67 -8.63 10.96 -26.10
N SER A 68 -9.24 10.53 -24.99
CA SER A 68 -10.63 10.83 -24.71
C SER A 68 -10.73 11.89 -23.62
N GLY A 69 -10.83 13.15 -24.04
CA GLY A 69 -10.84 14.26 -23.10
C GLY A 69 -9.43 14.61 -22.68
N THR A 70 -9.16 14.50 -21.38
CA THR A 70 -7.81 14.74 -20.87
C THR A 70 -7.10 13.43 -20.58
N ASP A 71 -7.82 12.32 -20.69
CA ASP A 71 -7.27 11.01 -20.39
C ASP A 71 -6.75 10.29 -21.64
N PHE A 72 -5.47 9.94 -21.63
CA PHE A 72 -4.92 9.09 -22.68
C PHE A 72 -5.26 7.63 -22.40
N THR A 73 -5.51 6.88 -23.47
CA THR A 73 -5.80 5.45 -23.32
C THR A 73 -4.88 4.61 -24.19
N LEU A 74 -4.52 3.43 -23.69
CA LEU A 74 -3.79 2.44 -24.46
C LEU A 74 -4.60 1.16 -24.53
N THR A 75 -4.85 0.67 -25.73
CA THR A 75 -5.65 -0.54 -25.90
C THR A 75 -4.87 -1.69 -26.51
N ILE A 76 -4.94 -2.85 -25.87
CA ILE A 76 -4.43 -4.08 -26.44
C ILE A 76 -5.61 -4.86 -27.01
N SER A 77 -5.69 -4.94 -28.34
CA SER A 77 -6.83 -5.53 -29.02
C SER A 77 -7.04 -7.00 -28.68
N SER A 78 -5.99 -7.79 -28.82
CA SER A 78 -6.04 -9.22 -28.51
C SER A 78 -4.81 -9.63 -27.73
N LEU A 79 -4.99 -9.91 -26.45
CA LEU A 79 -3.88 -10.15 -25.53
C LEU A 79 -3.08 -11.39 -25.92
N GLN A 80 -1.77 -11.23 -26.05
CA GLN A 80 -0.85 -12.33 -26.30
C GLN A 80 -0.06 -12.63 -25.03
N PRO A 81 0.45 -13.87 -24.87
CA PRO A 81 1.18 -14.26 -23.67
C PRO A 81 2.45 -13.44 -23.41
N GLU A 82 2.96 -12.74 -24.42
CA GLU A 82 4.13 -11.88 -24.23
C GLU A 82 3.70 -10.48 -23.80
N ASP A 83 2.40 -10.24 -23.78
CA ASP A 83 1.87 -8.93 -23.38
C ASP A 83 1.65 -8.84 -21.88
N PHE A 84 1.74 -9.98 -21.19
CA PHE A 84 1.55 -9.98 -19.75
C PHE A 84 2.74 -9.32 -19.07
N ALA A 85 2.50 -8.09 -18.61
CA ALA A 85 3.56 -7.24 -18.11
C ALA A 85 3.00 -6.10 -17.29
N THR A 86 3.88 -5.20 -16.85
CA THR A 86 3.45 -3.99 -16.17
C THR A 86 3.57 -2.80 -17.12
N TYR A 87 2.48 -2.06 -17.29
CA TYR A 87 2.44 -0.95 -18.23
C TYR A 87 2.42 0.40 -17.51
N TYR A 88 3.17 1.35 -18.05
CA TYR A 88 3.21 2.71 -17.52
C TYR A 88 2.92 3.72 -18.61
N CYS A 89 2.22 4.79 -18.25
CA CYS A 89 2.09 5.93 -19.16
C CYS A 89 3.00 7.04 -18.69
N GLN A 90 3.62 7.72 -19.63
CA GLN A 90 4.42 8.91 -19.32
C GLN A 90 3.80 10.12 -19.97
N GLN A 91 3.45 11.12 -19.16
CA GLN A 91 2.95 12.38 -19.69
C GLN A 91 3.99 13.48 -19.55
N TYR A 92 4.13 14.29 -20.58
CA TYR A 92 5.07 15.40 -20.55
C TYR A 92 4.46 16.65 -21.17
N SER A 93 4.59 17.76 -20.46
CA SER A 93 4.09 19.04 -20.92
C SER A 93 5.05 20.14 -20.46
N TYR A 94 4.58 21.38 -20.47
CA TYR A 94 5.43 22.51 -20.08
C TYR A 94 5.76 22.42 -18.60
N SER A 95 7.05 22.24 -18.30
CA SER A 95 7.56 22.17 -16.93
C SER A 95 6.97 21.00 -16.13
N LEU A 96 6.59 19.93 -16.82
CA LEU A 96 6.05 18.77 -16.13
C LEU A 96 6.34 17.45 -16.87
N VAL A 97 6.95 16.52 -16.16
CA VAL A 97 7.16 15.15 -16.65
C VAL A 97 6.86 14.17 -15.51
N THR A 98 5.93 13.25 -15.75
CA THR A 98 5.58 12.26 -14.73
C THR A 98 5.18 10.90 -15.32
N PHE A 99 5.42 9.85 -14.54
CA PHE A 99 4.95 8.51 -14.87
C PHE A 99 3.70 8.17 -14.05
N GLY A 100 2.72 7.54 -14.69
CA GLY A 100 1.51 7.11 -14.00
C GLY A 100 1.79 5.92 -13.10
N GLN A 101 0.78 5.52 -12.32
CA GLN A 101 0.92 4.47 -11.31
C GLN A 101 1.52 3.18 -11.85
N GLY A 102 0.90 2.62 -12.89
CA GLY A 102 1.37 1.37 -13.46
C GLY A 102 0.37 0.24 -13.30
N THR A 103 0.04 -0.41 -14.41
CA THR A 103 -0.91 -1.53 -14.39
C THR A 103 -0.22 -2.84 -14.72
N LYS A 104 -0.25 -3.77 -13.77
CA LYS A 104 0.35 -5.08 -13.97
C LYS A 104 -0.67 -6.08 -14.47
N VAL A 105 -0.57 -6.44 -15.75
CA VAL A 105 -1.47 -7.41 -16.34
C VAL A 105 -0.94 -8.82 -16.11
N GLU A 106 -1.66 -9.61 -15.32
CA GLU A 106 -1.21 -10.95 -14.96
C GLU A 106 -2.11 -12.02 -15.56
N ILE A 107 -1.55 -13.22 -15.74
CA ILE A 107 -2.27 -14.33 -16.34
C ILE A 107 -3.33 -14.91 -15.42
N LYS A 108 -4.56 -14.95 -15.91
CA LYS A 108 -5.66 -15.57 -15.17
C LYS A 108 -5.66 -17.08 -15.38
N ARG A 109 -5.77 -17.84 -14.30
CA ARG A 109 -5.85 -19.29 -14.40
C ARG A 109 -6.78 -19.85 -13.33
N THR A 110 -6.98 -21.16 -13.36
CA THR A 110 -7.83 -21.82 -12.38
C THR A 110 -7.27 -21.70 -10.97
N VAL A 111 -8.15 -21.67 -9.98
CA VAL A 111 -7.76 -21.56 -8.59
C VAL A 111 -6.88 -22.74 -8.16
N ALA A 112 -5.74 -22.44 -7.54
CA ALA A 112 -4.84 -23.46 -7.06
C ALA A 112 -4.48 -23.21 -5.60
N ALA A 113 -4.74 -24.20 -4.76
CA ALA A 113 -4.43 -24.10 -3.33
C ALA A 113 -2.94 -24.28 -3.10
N PRO A 114 -2.37 -23.54 -2.16
CA PRO A 114 -0.95 -23.68 -1.85
C PRO A 114 -0.65 -24.98 -1.11
N SER A 115 0.54 -25.52 -1.31
CA SER A 115 1.06 -26.56 -0.43
C SER A 115 1.90 -25.85 0.61
N VAL A 116 1.65 -26.16 1.89
CA VAL A 116 2.27 -25.40 2.97
C VAL A 116 3.33 -26.20 3.72
N PHE A 117 4.47 -25.56 3.97
CA PHE A 117 5.56 -26.18 4.70
C PHE A 117 6.06 -25.23 5.78
N ILE A 118 6.37 -25.78 6.96
CA ILE A 118 6.92 -24.97 8.04
C ILE A 118 8.31 -25.47 8.42
N PHE A 119 9.22 -24.53 8.66
CA PHE A 119 10.60 -24.86 9.00
C PHE A 119 11.01 -24.24 10.33
N PRO A 120 11.35 -25.09 11.32
CA PRO A 120 11.90 -24.60 12.58
C PRO A 120 13.25 -23.91 12.35
N PRO A 121 13.70 -23.10 13.32
CA PRO A 121 15.06 -22.56 13.22
C PRO A 121 16.08 -23.70 13.18
N SER A 122 17.08 -23.58 12.32
CA SER A 122 18.14 -24.59 12.28
C SER A 122 18.91 -24.55 13.59
N ASP A 123 19.51 -25.68 13.97
CA ASP A 123 20.34 -25.72 15.16
C ASP A 123 21.56 -24.80 14.97
N SER A 124 21.97 -24.65 13.72
CA SER A 124 23.07 -23.77 13.35
C SER A 124 22.78 -22.32 13.75
N GLN A 125 21.55 -21.87 13.45
CA GLN A 125 21.16 -20.51 13.78
C GLN A 125 20.99 -20.33 15.28
N LEU A 126 20.45 -21.35 15.94
CA LEU A 126 20.25 -21.32 17.38
C LEU A 126 21.58 -21.22 18.12
N LYS A 127 22.56 -22.00 17.67
CA LYS A 127 23.91 -21.95 18.23
C LYS A 127 24.53 -20.57 18.00
N SER A 128 24.05 -19.87 16.98
CA SER A 128 24.56 -18.55 16.65
C SER A 128 23.83 -17.44 17.40
N GLY A 129 22.84 -17.82 18.20
CA GLY A 129 22.18 -16.89 19.10
C GLY A 129 20.91 -16.24 18.59
N THR A 130 20.36 -16.74 17.49
CA THR A 130 19.11 -16.19 16.95
C THR A 130 18.15 -17.30 16.51
N ALA A 131 16.96 -16.90 16.07
CA ALA A 131 15.94 -17.86 15.67
C ALA A 131 14.99 -17.29 14.61
N SER A 132 14.89 -17.99 13.49
CA SER A 132 13.97 -17.62 12.43
C SER A 132 13.09 -18.80 12.06
N VAL A 133 11.77 -18.61 12.17
CA VAL A 133 10.83 -19.65 11.75
C VAL A 133 10.25 -19.29 10.40
N VAL A 134 10.31 -20.24 9.46
CA VAL A 134 9.87 -19.99 8.09
C VAL A 134 8.67 -20.83 7.70
N CYS A 135 7.65 -20.17 7.16
CA CYS A 135 6.49 -20.85 6.59
C CYS A 135 6.48 -20.65 5.08
N LEU A 136 6.32 -21.74 4.34
CA LEU A 136 6.36 -21.68 2.89
C LEU A 136 5.03 -22.04 2.23
N LEU A 137 4.57 -21.14 1.37
CA LEU A 137 3.37 -21.37 0.56
C LEU A 137 3.77 -21.58 -0.89
N ASN A 138 3.56 -22.79 -1.40
CA ASN A 138 4.07 -23.14 -2.72
C ASN A 138 3.01 -23.25 -3.81
N ASN A 139 3.24 -22.53 -4.91
CA ASN A 139 2.45 -22.67 -6.14
C ASN A 139 0.94 -22.52 -5.96
N PHE A 140 0.50 -21.30 -5.64
CA PHE A 140 -0.93 -21.04 -5.45
C PHE A 140 -1.43 -19.95 -6.37
N TYR A 141 -2.75 -19.95 -6.61
CA TYR A 141 -3.42 -18.90 -7.37
C TYR A 141 -4.86 -18.76 -6.88
N PRO A 142 -5.34 -17.51 -6.74
CA PRO A 142 -4.67 -16.25 -7.03
C PRO A 142 -3.65 -15.82 -5.97
N ARG A 143 -2.97 -14.71 -6.23
CA ARG A 143 -1.88 -14.22 -5.39
C ARG A 143 -2.31 -13.96 -3.95
N GLU A 144 -3.55 -13.51 -3.78
CA GLU A 144 -4.07 -13.13 -2.47
C GLU A 144 -4.03 -14.30 -1.48
N ALA A 145 -3.28 -14.11 -0.40
CA ALA A 145 -3.13 -15.13 0.63
C ALA A 145 -2.78 -14.48 1.97
N LYS A 146 -3.38 -15.00 3.04
CA LYS A 146 -3.11 -14.47 4.37
C LYS A 146 -2.44 -15.51 5.26
N VAL A 147 -1.30 -15.14 5.82
CA VAL A 147 -0.57 -16.00 6.74
C VAL A 147 -0.66 -15.46 8.16
N GLN A 148 -1.08 -16.32 9.09
CA GLN A 148 -1.20 -15.93 10.49
C GLN A 148 -0.32 -16.80 11.37
N TRP A 149 0.61 -16.18 12.08
CA TRP A 149 1.50 -16.91 12.98
C TRP A 149 0.86 -17.09 14.36
N LYS A 150 1.04 -18.28 14.92
CA LYS A 150 0.57 -18.57 16.27
C LYS A 150 1.68 -19.16 17.12
N VAL A 151 1.94 -18.54 18.26
CA VAL A 151 2.92 -19.04 19.21
C VAL A 151 2.24 -19.38 20.53
N ASP A 152 2.14 -20.67 20.82
CA ASP A 152 1.35 -21.17 21.95
C ASP A 152 -0.07 -20.62 21.86
N ASN A 153 -0.63 -20.68 20.65
CA ASN A 153 -1.98 -20.20 20.35
C ASN A 153 -2.20 -18.72 20.62
N ALA A 154 -1.12 -17.95 20.67
CA ALA A 154 -1.23 -16.50 20.73
C ALA A 154 -1.01 -15.93 19.34
N LEU A 155 -2.00 -15.20 18.84
CA LEU A 155 -1.90 -14.62 17.50
C LEU A 155 -0.84 -13.54 17.44
N GLN A 156 0.10 -13.69 16.52
CA GLN A 156 1.22 -12.76 16.39
C GLN A 156 0.94 -11.66 15.38
N SER A 157 1.63 -10.54 15.53
CA SER A 157 1.57 -9.45 14.57
C SER A 157 2.72 -8.47 14.80
N GLY A 158 3.44 -8.14 13.73
CA GLY A 158 4.52 -7.17 13.82
C GLY A 158 5.90 -7.79 13.98
N ASN A 159 5.96 -9.11 14.10
CA ASN A 159 7.24 -9.80 14.23
C ASN A 159 7.49 -10.81 13.12
N SER A 160 6.85 -10.57 11.98
CA SER A 160 7.04 -11.43 10.81
C SER A 160 7.04 -10.60 9.53
N GLN A 161 7.77 -11.09 8.53
CA GLN A 161 7.79 -10.44 7.22
C GLN A 161 7.64 -11.49 6.12
N GLU A 162 7.01 -11.10 5.02
CA GLU A 162 6.78 -12.01 3.92
C GLU A 162 7.12 -11.37 2.57
N SER A 163 7.41 -12.21 1.59
CA SER A 163 7.61 -11.75 0.23
C SER A 163 7.07 -12.79 -0.74
N VAL A 164 6.73 -12.35 -1.95
CA VAL A 164 6.08 -13.20 -2.93
C VAL A 164 6.84 -13.17 -4.26
N THR A 165 7.01 -14.33 -4.88
CA THR A 165 7.62 -14.41 -6.20
C THR A 165 6.71 -13.81 -7.27
N GLU A 166 7.26 -13.57 -8.45
CA GLU A 166 6.46 -13.16 -9.59
C GLU A 166 5.69 -14.38 -10.10
N GLN A 167 4.74 -14.15 -11.00
CA GLN A 167 3.94 -15.24 -11.54
C GLN A 167 4.82 -16.25 -12.25
N ASP A 168 4.70 -17.51 -11.84
CA ASP A 168 5.57 -18.59 -12.31
C ASP A 168 5.47 -18.79 -13.82
N SER A 169 6.61 -18.98 -14.47
CA SER A 169 6.65 -19.19 -15.91
C SER A 169 6.20 -20.61 -16.27
N LYS A 170 6.04 -21.46 -15.26
CA LYS A 170 5.64 -22.84 -15.49
C LYS A 170 4.13 -23.03 -15.47
N ASP A 171 3.49 -22.64 -14.38
CA ASP A 171 2.06 -22.87 -14.22
C ASP A 171 1.28 -21.61 -13.81
N SER A 172 1.92 -20.46 -13.96
CA SER A 172 1.29 -19.16 -13.67
C SER A 172 0.83 -19.01 -12.22
N THR A 173 1.50 -19.70 -11.30
CA THR A 173 1.15 -19.59 -9.88
C THR A 173 2.11 -18.67 -9.15
N TYR A 174 1.82 -18.42 -7.88
CA TYR A 174 2.71 -17.64 -7.02
C TYR A 174 3.22 -18.49 -5.87
N SER A 175 4.32 -18.06 -5.27
CA SER A 175 4.83 -18.69 -4.06
C SER A 175 5.13 -17.62 -3.01
N LEU A 176 4.91 -17.95 -1.75
CA LEU A 176 5.11 -17.00 -0.66
C LEU A 176 5.90 -17.64 0.48
N SER A 177 6.77 -16.86 1.09
CA SER A 177 7.48 -17.30 2.29
C SER A 177 7.28 -16.27 3.40
N SER A 178 6.90 -16.74 4.58
CA SER A 178 6.73 -15.88 5.74
C SER A 178 7.73 -16.24 6.82
N THR A 179 8.47 -15.25 7.31
CA THR A 179 9.53 -15.49 8.28
C THR A 179 9.24 -14.84 9.63
N LEU A 180 9.08 -15.67 10.65
CA LEU A 180 8.86 -15.20 12.02
C LEU A 180 10.20 -15.04 12.72
N THR A 181 10.52 -13.81 13.12
CA THR A 181 11.81 -13.54 13.75
C THR A 181 11.67 -13.32 15.26
N LEU A 182 12.42 -14.10 16.03
CA LEU A 182 12.42 -13.99 17.47
C LEU A 182 13.84 -14.12 18.01
N SER A 183 14.07 -13.59 19.21
CA SER A 183 15.33 -13.83 19.90
C SER A 183 15.38 -15.29 20.30
N LYS A 184 16.60 -15.82 20.45
CA LYS A 184 16.78 -17.22 20.82
C LYS A 184 16.11 -17.52 22.16
N ALA A 185 16.30 -16.62 23.11
CA ALA A 185 15.76 -16.80 24.46
C ALA A 185 14.24 -16.85 24.45
N ASP A 186 13.63 -15.98 23.65
CA ASP A 186 12.17 -15.92 23.58
C ASP A 186 11.62 -17.14 22.83
N TYR A 187 12.39 -17.62 21.85
CA TYR A 187 11.97 -18.78 21.09
C TYR A 187 11.92 -20.03 21.96
N GLU A 188 12.84 -20.12 22.91
CA GLU A 188 13.01 -21.32 23.72
C GLU A 188 12.10 -21.37 24.95
N LYS A 189 11.28 -20.35 25.15
CA LYS A 189 10.34 -20.36 26.26
C LYS A 189 8.91 -20.60 25.79
N HIS A 190 8.77 -20.91 24.50
CA HIS A 190 7.49 -21.28 23.92
C HIS A 190 7.59 -22.66 23.30
N LYS A 191 6.46 -23.36 23.19
CA LYS A 191 6.46 -24.75 22.74
C LYS A 191 5.89 -24.93 21.34
N VAL A 192 4.66 -24.45 21.14
CA VAL A 192 3.96 -24.68 19.87
C VAL A 192 4.11 -23.51 18.91
N TYR A 193 4.63 -23.80 17.73
CA TYR A 193 4.76 -22.80 16.67
C TYR A 193 3.94 -23.22 15.46
N ALA A 194 3.09 -22.31 14.98
CA ALA A 194 2.18 -22.63 13.89
C ALA A 194 1.97 -21.44 12.97
N CYS A 195 1.84 -21.71 11.68
CA CYS A 195 1.39 -20.70 10.74
C CYS A 195 0.08 -21.17 10.11
N GLU A 196 -0.92 -20.30 10.11
CA GLU A 196 -2.23 -20.63 9.58
C GLU A 196 -2.44 -19.94 8.23
N VAL A 197 -2.73 -20.73 7.21
CA VAL A 197 -2.82 -20.21 5.85
C VAL A 197 -4.27 -20.12 5.36
N THR A 198 -4.64 -18.92 4.92
CA THR A 198 -5.97 -18.69 4.35
C THR A 198 -5.84 -18.36 2.87
N HIS A 199 -6.61 -19.05 2.04
CA HIS A 199 -6.53 -18.86 0.60
C HIS A 199 -7.80 -19.28 -0.12
N GLN A 200 -8.00 -18.70 -1.31
CA GLN A 200 -9.13 -19.02 -2.18
C GLN A 200 -9.37 -20.52 -2.33
N GLY A 201 -8.30 -21.25 -2.64
CA GLY A 201 -8.39 -22.67 -2.90
C GLY A 201 -8.59 -23.55 -1.67
N LEU A 202 -8.60 -22.92 -0.50
CA LEU A 202 -8.80 -23.66 0.74
C LEU A 202 -10.18 -23.39 1.34
N SER A 203 -11.01 -24.43 1.41
CA SER A 203 -12.34 -24.30 1.99
C SER A 203 -12.24 -24.03 3.49
N SER A 204 -11.16 -24.52 4.09
CA SER A 204 -10.86 -24.28 5.49
C SER A 204 -9.38 -23.94 5.62
N PRO A 205 -9.03 -23.03 6.54
CA PRO A 205 -7.64 -22.63 6.75
C PRO A 205 -6.72 -23.81 7.10
N VAL A 206 -5.59 -23.90 6.41
CA VAL A 206 -4.62 -24.96 6.68
C VAL A 206 -3.58 -24.48 7.69
N THR A 207 -3.36 -25.27 8.73
CA THR A 207 -2.39 -24.92 9.76
C THR A 207 -1.26 -25.94 9.82
N LYS A 208 -0.04 -25.48 9.55
CA LYS A 208 1.16 -26.30 9.75
C LYS A 208 1.84 -25.90 11.04
N SER A 209 2.22 -26.88 11.85
CA SER A 209 2.80 -26.58 13.15
C SER A 209 3.89 -27.56 13.56
N PHE A 210 4.64 -27.20 14.59
CA PHE A 210 5.60 -28.09 15.20
C PHE A 210 5.78 -27.74 16.67
N ASN A 211 6.22 -28.70 17.46
CA ASN A 211 6.59 -28.44 18.84
C ASN A 211 8.10 -28.30 18.96
N ARG A 212 8.54 -27.26 19.67
CA ARG A 212 9.96 -26.96 19.79
C ARG A 212 10.75 -28.11 20.40
N GLY A 213 11.71 -28.64 19.65
CA GLY A 213 12.60 -29.66 20.15
C GLY A 213 12.12 -31.09 19.96
N GLU A 214 11.37 -31.33 18.89
CA GLU A 214 10.90 -32.68 18.60
C GLU A 214 11.72 -33.32 17.49
N GLU B 4 22.74 -0.73 -32.82
CA GLU B 4 23.94 -0.81 -32.00
C GLU B 4 23.95 0.27 -30.93
N VAL B 5 22.78 0.82 -30.65
CA VAL B 5 22.65 1.82 -29.61
C VAL B 5 22.65 1.16 -28.23
N GLN B 6 23.51 1.64 -27.34
CA GLN B 6 23.58 1.09 -25.99
C GLN B 6 23.87 2.19 -24.98
N LEU B 7 23.30 2.03 -23.79
CA LEU B 7 23.60 2.91 -22.67
C LEU B 7 24.04 2.07 -21.49
N VAL B 8 25.25 2.31 -20.99
CA VAL B 8 25.77 1.56 -19.86
C VAL B 8 25.97 2.46 -18.65
N GLU B 9 25.35 2.07 -17.54
CA GLU B 9 25.37 2.89 -16.33
C GLU B 9 26.39 2.40 -15.32
N SER B 10 26.78 3.29 -14.42
CA SER B 10 27.76 2.98 -13.38
C SER B 10 27.68 3.99 -12.24
N GLY B 11 28.38 3.72 -11.15
CA GLY B 11 28.46 4.65 -10.04
C GLY B 11 27.54 4.32 -8.88
N GLY B 12 26.61 3.41 -9.10
CA GLY B 12 25.68 3.01 -8.07
C GLY B 12 26.36 2.29 -6.93
N GLY B 13 25.81 2.42 -5.74
CA GLY B 13 26.37 1.80 -4.56
C GLY B 13 25.73 2.26 -3.27
N LEU B 14 26.46 2.13 -2.17
CA LEU B 14 25.94 2.47 -0.85
C LEU B 14 26.46 3.84 -0.39
N VAL B 15 25.56 4.62 0.20
CA VAL B 15 25.93 5.90 0.80
C VAL B 15 25.11 6.17 2.05
N GLN B 16 25.70 6.88 3.01
CA GLN B 16 24.98 7.31 4.20
C GLN B 16 24.05 8.47 3.85
N PRO B 17 22.92 8.59 4.56
CA PRO B 17 22.00 9.70 4.35
C PRO B 17 22.69 11.05 4.53
N GLY B 18 22.44 11.98 3.61
CA GLY B 18 23.11 13.27 3.62
C GLY B 18 24.35 13.26 2.75
N GLY B 19 24.76 12.07 2.32
CA GLY B 19 25.96 11.91 1.51
C GLY B 19 25.73 12.23 0.05
N SER B 20 26.76 12.01 -0.76
CA SER B 20 26.69 12.31 -2.19
C SER B 20 27.12 11.14 -3.07
N LEU B 21 26.52 11.07 -4.25
CA LEU B 21 26.84 10.03 -5.23
C LEU B 21 26.73 10.58 -6.66
N ARG B 22 27.68 10.21 -7.51
CA ARG B 22 27.60 10.57 -8.92
C ARG B 22 27.38 9.32 -9.78
N LEU B 23 26.28 9.31 -10.51
CA LEU B 23 25.98 8.21 -11.43
C LEU B 23 26.43 8.59 -12.83
N SER B 24 26.84 7.59 -13.60
CA SER B 24 27.28 7.82 -14.97
C SER B 24 26.46 7.00 -15.96
N CYS B 25 26.32 7.51 -17.17
CA CYS B 25 25.58 6.82 -18.22
C CYS B 25 26.34 6.91 -19.55
N ALA B 26 27.14 5.90 -19.85
CA ALA B 26 27.96 5.90 -21.04
C ALA B 26 27.18 5.46 -22.27
N ALA B 27 27.20 6.31 -23.30
CA ALA B 27 26.44 6.05 -24.52
C ALA B 27 27.32 5.41 -25.61
N SER B 28 26.68 4.65 -26.49
CA SER B 28 27.34 4.05 -27.64
C SER B 28 26.38 3.94 -28.81
N GLY B 29 26.89 4.19 -30.02
CA GLY B 29 26.08 4.12 -31.22
C GLY B 29 25.38 5.44 -31.51
N PHE B 30 25.58 6.42 -30.63
CA PHE B 30 25.01 7.74 -30.79
C PHE B 30 25.71 8.70 -29.83
N ASN B 31 25.51 10.00 -30.04
CA ASN B 31 26.06 10.99 -29.12
C ASN B 31 24.95 11.70 -28.36
N VAL B 32 25.15 11.89 -27.06
CA VAL B 32 24.14 12.49 -26.19
C VAL B 32 23.78 13.92 -26.57
N TYR B 33 24.64 14.54 -27.38
CA TYR B 33 24.44 15.90 -27.84
C TYR B 33 23.16 16.07 -28.66
N TYR B 34 22.77 15.01 -29.37
CA TYR B 34 21.66 15.09 -30.32
C TYR B 34 20.33 14.60 -29.76
N TYR B 35 20.29 14.21 -28.49
CA TYR B 35 19.08 13.63 -27.92
C TYR B 35 18.80 14.09 -26.50
N TYR B 36 17.52 14.09 -26.13
CA TYR B 36 17.14 14.22 -24.72
C TYR B 36 17.61 12.99 -23.96
N ILE B 37 18.28 13.19 -22.83
CA ILE B 37 18.67 12.08 -21.97
C ILE B 37 17.92 12.19 -20.65
N HIS B 38 17.33 11.07 -20.22
CA HIS B 38 16.50 11.07 -19.01
C HIS B 38 17.07 10.15 -17.95
N TRP B 39 16.83 10.50 -16.69
CA TRP B 39 17.08 9.60 -15.57
C TRP B 39 15.75 9.20 -14.94
N VAL B 40 15.52 7.90 -14.84
CA VAL B 40 14.30 7.37 -14.24
C VAL B 40 14.68 6.35 -13.18
N ARG B 41 14.06 6.44 -12.00
CA ARG B 41 14.38 5.51 -10.92
C ARG B 41 13.19 4.65 -10.53
N GLN B 42 13.47 3.55 -9.84
CA GLN B 42 12.44 2.61 -9.44
C GLN B 42 12.78 1.95 -8.11
N ALA B 43 12.06 2.32 -7.06
CA ALA B 43 12.21 1.67 -5.76
C ALA B 43 11.69 0.25 -5.86
N PRO B 44 12.26 -0.67 -5.05
CA PRO B 44 11.82 -2.07 -5.07
C PRO B 44 10.33 -2.23 -4.80
N GLY B 45 9.61 -2.86 -5.73
CA GLY B 45 8.19 -3.10 -5.59
C GLY B 45 7.32 -1.95 -6.03
N LYS B 46 7.94 -0.82 -6.35
CA LYS B 46 7.19 0.38 -6.72
C LYS B 46 7.29 0.68 -8.21
N GLY B 47 6.50 1.64 -8.67
CA GLY B 47 6.47 2.02 -10.07
C GLY B 47 7.61 2.94 -10.46
N LEU B 48 7.64 3.34 -11.72
CA LEU B 48 8.69 4.22 -12.24
C LEU B 48 8.49 5.66 -11.76
N GLU B 49 9.60 6.32 -11.47
CA GLU B 49 9.56 7.74 -11.10
C GLU B 49 10.60 8.54 -11.88
N TRP B 50 10.10 9.46 -12.70
CA TRP B 50 10.98 10.32 -13.49
C TRP B 50 11.78 11.24 -12.56
N VAL B 51 13.07 11.38 -12.85
CA VAL B 51 13.97 12.11 -11.97
C VAL B 51 14.51 13.39 -12.60
N ALA B 52 15.11 13.27 -13.78
CA ALA B 52 15.75 14.40 -14.43
C ALA B 52 15.89 14.19 -15.94
N SER B 53 16.16 15.28 -16.65
CA SER B 53 16.37 15.21 -18.09
C SER B 53 17.21 16.39 -18.57
N ILE B 54 17.95 16.18 -19.65
CA ILE B 54 18.75 17.25 -20.24
C ILE B 54 18.54 17.31 -21.76
N SER B 55 18.43 18.52 -22.28
CA SER B 55 18.04 18.75 -23.67
C SER B 55 19.22 18.65 -24.65
N PRO B 56 18.94 18.26 -25.89
CA PRO B 56 19.97 18.22 -26.93
C PRO B 56 20.39 19.61 -27.38
N TYR B 57 21.59 19.71 -27.94
CA TYR B 57 22.16 20.94 -28.50
C TYR B 57 22.55 21.99 -27.45
N TYR B 58 21.65 22.26 -26.51
CA TYR B 58 21.87 23.38 -25.58
C TYR B 58 21.99 22.94 -24.12
N GLY B 59 21.55 21.72 -23.82
CA GLY B 59 21.74 21.16 -22.49
C GLY B 59 20.94 21.83 -21.39
N TYR B 60 19.73 22.29 -21.71
CA TYR B 60 18.81 22.77 -20.68
C TYR B 60 18.38 21.57 -19.84
N THR B 61 17.94 21.77 -18.62
CA THR B 61 17.57 20.70 -17.70
C THR B 61 16.19 20.87 -17.08
N SER B 62 15.79 19.71 -16.53
CA SER B 62 14.50 19.65 -15.86
C SER B 62 14.55 18.60 -14.75
N TYR B 63 13.92 18.88 -13.62
CA TYR B 63 13.97 17.98 -12.47
C TYR B 63 12.59 17.72 -11.86
N ALA B 64 12.44 16.53 -11.27
CA ALA B 64 11.26 16.24 -10.48
C ALA B 64 11.29 17.06 -9.21
N ASP B 65 10.12 17.41 -8.67
CA ASP B 65 10.05 18.19 -7.45
C ASP B 65 10.70 17.49 -6.27
N SER B 66 10.73 16.16 -6.32
CA SER B 66 11.25 15.36 -5.22
C SER B 66 12.78 15.38 -5.13
N VAL B 67 13.44 15.83 -6.19
CA VAL B 67 14.90 15.88 -6.20
C VAL B 67 15.41 17.32 -6.24
N LYS B 68 14.49 18.26 -6.15
CA LYS B 68 14.74 19.69 -5.90
C LYS B 68 16.05 20.24 -6.45
N GLY B 69 16.78 20.93 -5.58
CA GLY B 69 18.11 21.40 -5.89
C GLY B 69 19.13 20.51 -5.21
N ARG B 70 18.81 19.21 -5.15
CA ARG B 70 19.71 18.22 -4.58
C ARG B 70 20.44 17.47 -5.69
N PHE B 71 19.74 17.26 -6.81
CA PHE B 71 20.30 16.50 -7.92
C PHE B 71 20.73 17.44 -9.04
N THR B 72 21.76 17.04 -9.76
CA THR B 72 22.23 17.79 -10.92
C THR B 72 22.48 16.85 -12.10
N ILE B 73 21.84 17.11 -13.23
CA ILE B 73 22.08 16.32 -14.43
C ILE B 73 22.95 17.12 -15.41
N SER B 74 23.88 16.43 -16.05
CA SER B 74 24.77 17.05 -17.02
C SER B 74 25.26 16.01 -18.01
N ALA B 75 25.95 16.47 -19.05
CA ALA B 75 26.48 15.56 -20.06
C ALA B 75 27.82 16.05 -20.60
N ASP B 76 28.72 15.11 -20.88
CA ASP B 76 29.99 15.41 -21.51
C ASP B 76 29.97 14.86 -22.93
N THR B 77 29.81 15.73 -23.91
CA THR B 77 29.65 15.30 -25.30
C THR B 77 30.92 14.70 -25.90
N SER B 78 32.07 15.12 -25.39
CA SER B 78 33.34 14.58 -25.87
C SER B 78 33.54 13.15 -25.35
N LYS B 79 33.17 12.93 -24.09
CA LYS B 79 33.25 11.60 -23.50
C LYS B 79 31.99 10.80 -23.76
N ASN B 80 30.99 11.47 -24.35
CA ASN B 80 29.71 10.85 -24.69
C ASN B 80 29.08 10.16 -23.48
N THR B 81 29.00 10.88 -22.38
CA THR B 81 28.49 10.34 -21.13
C THR B 81 27.59 11.35 -20.42
N ALA B 82 26.46 10.87 -19.89
CA ALA B 82 25.58 11.70 -19.09
C ALA B 82 25.76 11.37 -17.60
N TYR B 83 25.54 12.35 -16.74
CA TYR B 83 25.75 12.18 -15.31
C TYR B 83 24.55 12.60 -14.48
N LEU B 84 24.44 12.02 -13.29
CA LEU B 84 23.47 12.47 -12.30
C LEU B 84 24.17 12.65 -10.96
N GLN B 85 24.48 13.91 -10.63
CA GLN B 85 25.10 14.21 -9.34
C GLN B 85 24.02 14.27 -8.26
N MET B 86 24.13 13.39 -7.28
CA MET B 86 23.13 13.32 -6.22
C MET B 86 23.72 13.75 -4.88
N ASN B 87 23.21 14.86 -4.34
CA ASN B 87 23.64 15.36 -3.04
C ASN B 87 22.52 15.29 -2.02
N SER B 88 22.89 15.36 -0.74
CA SER B 88 21.93 15.34 0.36
C SER B 88 20.96 14.16 0.24
N LEU B 89 21.51 12.98 -0.04
CA LEU B 89 20.72 11.80 -0.29
C LEU B 89 19.91 11.35 0.92
N ARG B 90 18.67 10.93 0.67
CA ARG B 90 17.79 10.45 1.72
C ARG B 90 17.43 8.99 1.47
N ALA B 91 16.92 8.33 2.50
CA ALA B 91 16.58 6.90 2.41
C ALA B 91 15.57 6.62 1.29
N GLU B 92 14.67 7.57 1.04
CA GLU B 92 13.65 7.39 0.01
C GLU B 92 14.21 7.54 -1.39
N ASP B 93 15.50 7.83 -1.50
CA ASP B 93 16.16 7.90 -2.79
C ASP B 93 16.68 6.54 -3.21
N THR B 94 16.58 5.57 -2.29
CA THR B 94 17.00 4.21 -2.57
C THR B 94 16.17 3.60 -3.70
N ALA B 95 16.84 3.26 -4.80
CA ALA B 95 16.17 2.71 -5.98
C ALA B 95 17.16 2.25 -7.03
N VAL B 96 16.66 1.49 -7.99
CA VAL B 96 17.40 1.23 -9.22
C VAL B 96 17.24 2.45 -10.12
N TYR B 97 18.35 3.06 -10.51
CA TYR B 97 18.30 4.22 -11.38
C TYR B 97 18.58 3.81 -12.82
N TYR B 98 17.71 4.24 -13.74
CA TYR B 98 17.93 4.01 -15.16
C TYR B 98 18.22 5.31 -15.88
N CYS B 99 19.09 5.25 -16.88
CA CYS B 99 19.22 6.35 -17.82
C CYS B 99 18.64 5.90 -19.16
N ALA B 100 18.04 6.83 -19.90
CA ALA B 100 17.38 6.49 -21.15
C ALA B 100 17.55 7.58 -22.20
N ARG B 101 17.53 7.17 -23.47
CA ARG B 101 17.58 8.12 -24.58
C ARG B 101 16.19 8.36 -25.14
N TRP B 102 15.87 9.62 -25.38
CA TRP B 102 14.60 9.98 -26.01
C TRP B 102 14.77 10.08 -27.52
N SER B 103 13.81 9.54 -28.26
CA SER B 103 13.82 9.64 -29.71
C SER B 103 12.53 10.27 -30.22
N TYR B 104 12.68 11.32 -31.01
CA TYR B 104 11.54 12.07 -31.53
C TYR B 104 10.92 11.38 -32.76
N SER B 112 6.98 9.07 -30.38
CA SER B 112 8.20 9.46 -29.67
C SER B 112 8.21 8.94 -28.24
N GLY B 113 9.40 8.72 -27.70
CA GLY B 113 9.55 8.24 -26.34
C GLY B 113 10.96 7.75 -26.04
N MET B 114 11.16 7.26 -24.82
CA MET B 114 12.45 6.69 -24.42
C MET B 114 12.59 5.30 -25.01
N ASP B 115 13.29 5.18 -26.12
CA ASP B 115 13.36 3.94 -26.87
C ASP B 115 14.60 3.10 -26.57
N TYR B 116 15.57 3.70 -25.87
CA TYR B 116 16.74 2.96 -25.44
C TYR B 116 17.03 3.21 -23.97
N TRP B 117 17.25 2.13 -23.23
CA TRP B 117 17.44 2.20 -21.79
C TRP B 117 18.74 1.52 -21.36
N GLY B 118 19.32 2.01 -20.27
CA GLY B 118 20.46 1.35 -19.66
C GLY B 118 20.01 0.16 -18.84
N GLN B 119 20.96 -0.61 -18.33
CA GLN B 119 20.63 -1.81 -17.56
C GLN B 119 20.24 -1.45 -16.12
N GLY B 120 20.50 -0.21 -15.73
CA GLY B 120 20.16 0.26 -14.41
C GLY B 120 21.26 0.03 -13.40
N THR B 121 21.34 0.92 -12.41
CA THR B 121 22.32 0.79 -11.33
C THR B 121 21.65 1.01 -9.98
N LEU B 122 22.03 0.20 -8.99
CA LEU B 122 21.35 0.23 -7.70
C LEU B 122 21.98 1.25 -6.74
N VAL B 123 21.14 2.15 -6.24
CA VAL B 123 21.59 3.13 -5.26
C VAL B 123 20.93 2.88 -3.91
N THR B 124 21.74 2.62 -2.90
CA THR B 124 21.24 2.36 -1.55
C THR B 124 21.66 3.46 -0.58
N VAL B 125 20.68 4.11 0.03
CA VAL B 125 20.95 5.14 1.03
C VAL B 125 20.51 4.65 2.41
N SER B 126 21.49 4.46 3.29
CA SER B 126 21.21 3.95 4.63
C SER B 126 22.38 4.15 5.57
N SER B 127 22.10 4.14 6.88
CA SER B 127 23.12 4.30 7.89
C SER B 127 23.77 2.97 8.24
N ALA B 128 23.19 1.88 7.74
CA ALA B 128 23.73 0.55 7.96
C ALA B 128 25.03 0.36 7.19
N SER B 129 25.88 -0.53 7.67
CA SER B 129 27.18 -0.76 7.05
C SER B 129 27.22 -2.10 6.31
N THR B 130 28.15 -2.21 5.36
CA THR B 130 28.28 -3.41 4.54
C THR B 130 28.54 -4.66 5.37
N LYS B 131 27.75 -5.70 5.16
CA LYS B 131 27.90 -6.95 5.88
C LYS B 131 27.56 -8.16 5.00
N GLY B 132 28.41 -9.18 5.06
CA GLY B 132 28.14 -10.42 4.36
C GLY B 132 27.06 -11.22 5.06
N PRO B 133 26.36 -12.07 4.31
CA PRO B 133 25.23 -12.83 4.86
C PRO B 133 25.61 -14.06 5.67
N SER B 134 24.72 -14.47 6.56
CA SER B 134 24.81 -15.78 7.19
C SER B 134 23.86 -16.71 6.47
N VAL B 135 24.31 -17.93 6.18
CA VAL B 135 23.48 -18.86 5.44
C VAL B 135 23.07 -20.04 6.31
N PHE B 136 21.77 -20.21 6.48
CA PHE B 136 21.24 -21.31 7.29
C PHE B 136 20.38 -22.23 6.44
N PRO B 137 20.42 -23.53 6.73
CA PRO B 137 19.63 -24.49 5.95
C PRO B 137 18.15 -24.50 6.33
N LEU B 138 17.30 -24.67 5.33
CA LEU B 138 15.90 -24.99 5.54
C LEU B 138 15.74 -26.48 5.25
N ALA B 139 15.99 -27.30 6.28
CA ALA B 139 16.10 -28.74 6.09
C ALA B 139 14.76 -29.40 5.78
N PRO B 140 14.78 -30.38 4.87
CA PRO B 140 13.60 -31.21 4.58
C PRO B 140 13.39 -32.25 5.67
N SER B 141 12.14 -32.60 5.94
CA SER B 141 11.83 -33.60 6.94
C SER B 141 10.56 -34.37 6.58
N SER B 142 9.92 -34.94 7.58
CA SER B 142 8.69 -35.69 7.39
C SER B 142 7.50 -34.75 7.25
N LYS B 143 7.71 -33.47 7.53
CA LYS B 143 6.64 -32.48 7.45
C LYS B 143 6.93 -31.45 6.35
N SER B 144 8.12 -31.54 5.75
CA SER B 144 8.44 -30.73 4.59
C SER B 144 8.13 -31.54 3.33
N THR B 145 7.68 -32.77 3.53
CA THR B 145 7.28 -33.65 2.45
C THR B 145 5.76 -33.82 2.46
N SER B 146 5.25 -34.61 1.52
CA SER B 146 3.82 -34.88 1.45
C SER B 146 3.53 -36.18 0.72
N GLY B 147 3.17 -36.07 -0.55
CA GLY B 147 2.84 -37.23 -1.36
C GLY B 147 3.90 -37.55 -2.41
N GLY B 148 5.15 -37.30 -2.06
CA GLY B 148 6.26 -37.62 -2.97
C GLY B 148 7.29 -36.53 -3.11
N THR B 149 6.88 -35.28 -2.91
CA THR B 149 7.79 -34.16 -3.07
C THR B 149 8.15 -33.51 -1.74
N ALA B 150 9.44 -33.22 -1.56
CA ALA B 150 9.92 -32.58 -0.35
C ALA B 150 10.44 -31.18 -0.65
N ALA B 151 10.21 -30.25 0.27
CA ALA B 151 10.67 -28.89 0.11
C ALA B 151 11.87 -28.60 1.01
N LEU B 152 12.89 -27.96 0.43
CA LEU B 152 14.07 -27.57 1.19
C LEU B 152 14.57 -26.21 0.69
N GLY B 153 15.52 -25.63 1.39
CA GLY B 153 16.05 -24.35 0.97
C GLY B 153 17.14 -23.76 1.85
N CYS B 154 17.46 -22.49 1.60
CA CYS B 154 18.47 -21.77 2.36
C CYS B 154 17.94 -20.42 2.81
N LEU B 155 18.20 -20.08 4.07
CA LEU B 155 17.88 -18.76 4.58
C LEU B 155 19.12 -17.88 4.54
N VAL B 156 19.07 -16.84 3.70
CA VAL B 156 20.19 -15.91 3.56
C VAL B 156 19.90 -14.68 4.40
N LYS B 157 20.47 -14.63 5.60
CA LYS B 157 20.04 -13.66 6.60
C LYS B 157 21.09 -12.59 6.90
N ASP B 158 20.60 -11.39 7.21
CA ASP B 158 21.41 -10.30 7.75
C ASP B 158 22.55 -9.84 6.86
N TYR B 159 22.25 -9.47 5.62
CA TYR B 159 23.27 -8.92 4.74
C TYR B 159 22.91 -7.49 4.34
N PHE B 160 23.91 -6.75 3.88
CA PHE B 160 23.72 -5.37 3.47
C PHE B 160 24.92 -4.90 2.66
N PRO B 161 24.65 -4.19 1.54
CA PRO B 161 23.30 -3.96 1.02
C PRO B 161 22.90 -5.01 -0.01
N GLU B 162 21.81 -4.76 -0.72
CA GLU B 162 21.44 -5.57 -1.88
C GLU B 162 22.53 -5.41 -2.95
N PRO B 163 22.66 -6.41 -3.85
CA PRO B 163 21.87 -7.64 -3.93
C PRO B 163 22.62 -8.91 -3.52
N VAL B 164 21.85 -9.96 -3.29
CA VAL B 164 22.39 -11.30 -3.12
C VAL B 164 21.85 -12.17 -4.25
N THR B 165 22.70 -13.02 -4.82
CA THR B 165 22.24 -13.99 -5.81
C THR B 165 22.37 -15.40 -5.25
N VAL B 166 21.42 -16.25 -5.59
CA VAL B 166 21.42 -17.64 -5.15
C VAL B 166 21.23 -18.59 -6.32
N SER B 167 22.05 -19.63 -6.37
CA SER B 167 21.86 -20.71 -7.33
C SER B 167 21.87 -22.04 -6.60
N TRP B 168 21.43 -23.10 -7.27
CA TRP B 168 21.42 -24.43 -6.65
C TRP B 168 22.23 -25.43 -7.47
N ASN B 169 23.10 -26.16 -6.77
CA ASN B 169 24.03 -27.09 -7.41
C ASN B 169 24.78 -26.46 -8.57
N SER B 170 25.37 -25.29 -8.31
CA SER B 170 26.17 -24.55 -9.29
C SER B 170 25.43 -24.29 -10.60
N GLY B 171 24.11 -24.14 -10.51
CA GLY B 171 23.31 -23.78 -11.66
C GLY B 171 22.63 -24.93 -12.38
N ALA B 172 22.92 -26.15 -11.95
CA ALA B 172 22.36 -27.33 -12.60
C ALA B 172 20.90 -27.54 -12.22
N LEU B 173 20.52 -27.08 -11.04
CA LEU B 173 19.16 -27.23 -10.54
C LEU B 173 18.40 -25.91 -10.61
N THR B 174 17.44 -25.83 -11.55
CA THR B 174 16.66 -24.61 -11.74
C THR B 174 15.17 -24.86 -11.62
N SER B 175 14.75 -26.10 -11.87
CA SER B 175 13.33 -26.45 -11.81
C SER B 175 12.84 -26.54 -10.37
N GLY B 176 11.70 -25.93 -10.10
CA GLY B 176 11.10 -25.95 -8.78
C GLY B 176 11.77 -24.98 -7.81
N VAL B 177 12.66 -24.15 -8.34
CA VAL B 177 13.39 -23.20 -7.53
C VAL B 177 12.65 -21.87 -7.37
N HIS B 178 12.39 -21.48 -6.13
CA HIS B 178 11.81 -20.17 -5.84
C HIS B 178 12.76 -19.35 -4.97
N THR B 179 13.36 -18.33 -5.56
CA THR B 179 14.18 -17.40 -4.81
C THR B 179 13.41 -16.10 -4.58
N PHE B 180 12.93 -15.92 -3.37
CA PHE B 180 12.03 -14.82 -3.03
C PHE B 180 12.73 -13.47 -3.01
N PRO B 181 11.97 -12.38 -3.23
CA PRO B 181 12.53 -11.04 -3.08
C PRO B 181 13.06 -10.81 -1.67
N ALA B 182 14.13 -10.03 -1.56
CA ALA B 182 14.69 -9.70 -0.26
C ALA B 182 13.71 -8.85 0.55
N VAL B 183 13.74 -9.00 1.86
CA VAL B 183 12.95 -8.13 2.72
C VAL B 183 13.88 -7.28 3.58
N LEU B 184 13.53 -6.01 3.73
CA LEU B 184 14.31 -5.11 4.57
C LEU B 184 13.80 -5.19 6.00
N GLN B 185 14.60 -5.82 6.86
CA GLN B 185 14.25 -5.96 8.27
C GLN B 185 14.33 -4.62 8.97
N SER B 186 13.67 -4.51 10.12
CA SER B 186 13.67 -3.26 10.89
C SER B 186 15.08 -2.90 11.36
N SER B 187 15.94 -3.90 11.46
CA SER B 187 17.32 -3.70 11.86
C SER B 187 18.08 -2.89 10.81
N GLY B 188 17.59 -2.92 9.57
CA GLY B 188 18.23 -2.20 8.48
C GLY B 188 18.96 -3.17 7.56
N LEU B 189 19.03 -4.42 7.98
CA LEU B 189 19.69 -5.47 7.19
C LEU B 189 18.66 -6.23 6.36
N TYR B 190 19.11 -6.78 5.24
CA TYR B 190 18.23 -7.55 4.36
C TYR B 190 18.26 -9.03 4.69
N SER B 191 17.26 -9.75 4.20
CA SER B 191 17.21 -11.20 4.31
C SER B 191 16.32 -11.78 3.22
N LEU B 192 16.71 -12.92 2.67
CA LEU B 192 15.87 -13.61 1.70
C LEU B 192 15.97 -15.12 1.84
N SER B 193 14.96 -15.82 1.36
CA SER B 193 14.99 -17.27 1.33
C SER B 193 14.95 -17.76 -0.12
N SER B 194 15.66 -18.84 -0.38
CA SER B 194 15.54 -19.55 -1.64
C SER B 194 15.14 -20.98 -1.35
N VAL B 195 14.07 -21.44 -1.97
CA VAL B 195 13.58 -22.80 -1.73
C VAL B 195 13.49 -23.58 -3.03
N VAL B 196 13.45 -24.91 -2.90
CA VAL B 196 13.26 -25.78 -4.05
C VAL B 196 12.53 -27.04 -3.62
N THR B 197 11.60 -27.50 -4.46
CA THR B 197 10.89 -28.75 -4.19
C THR B 197 11.47 -29.87 -5.03
N VAL B 198 11.77 -30.99 -4.38
CA VAL B 198 12.41 -32.13 -5.01
C VAL B 198 11.66 -33.41 -4.66
N PRO B 199 11.85 -34.48 -5.44
CA PRO B 199 11.27 -35.77 -5.05
C PRO B 199 11.84 -36.27 -3.72
N SER B 200 10.97 -36.76 -2.84
CA SER B 200 11.36 -37.20 -1.51
C SER B 200 12.36 -38.34 -1.53
N SER B 201 12.30 -39.16 -2.58
CA SER B 201 13.19 -40.31 -2.71
C SER B 201 14.61 -39.90 -3.09
N SER B 202 14.78 -38.65 -3.51
CA SER B 202 16.09 -38.15 -3.91
C SER B 202 16.87 -37.61 -2.71
N LEU B 203 16.20 -37.49 -1.57
CA LEU B 203 16.82 -36.92 -0.38
C LEU B 203 17.99 -37.76 0.12
N GLY B 204 17.92 -39.07 -0.07
CA GLY B 204 19.00 -39.95 0.33
C GLY B 204 20.13 -39.95 -0.67
N THR B 205 19.80 -39.77 -1.94
CA THR B 205 20.78 -39.82 -3.02
C THR B 205 21.37 -38.45 -3.36
N GLN B 206 20.57 -37.63 -4.03
CA GLN B 206 21.03 -36.34 -4.54
C GLN B 206 21.46 -35.39 -3.44
N THR B 207 22.56 -34.69 -3.66
CA THR B 207 23.00 -33.64 -2.75
C THR B 207 22.49 -32.30 -3.25
N TYR B 208 22.09 -31.43 -2.33
CA TYR B 208 21.57 -30.12 -2.69
C TYR B 208 22.36 -29.01 -2.01
N ILE B 209 22.99 -28.18 -2.84
CA ILE B 209 23.84 -27.09 -2.34
C ILE B 209 23.38 -25.74 -2.88
N CYS B 210 23.12 -24.79 -1.98
CA CYS B 210 22.78 -23.45 -2.42
C CYS B 210 24.06 -22.61 -2.48
N ASN B 211 24.29 -21.99 -3.64
CA ASN B 211 25.47 -21.16 -3.84
C ASN B 211 25.12 -19.69 -3.70
N VAL B 212 25.58 -19.07 -2.62
CA VAL B 212 25.24 -17.68 -2.32
C VAL B 212 26.37 -16.73 -2.69
N ASN B 213 26.03 -15.69 -3.43
CA ASN B 213 27.00 -14.66 -3.79
C ASN B 213 26.54 -13.28 -3.38
N HIS B 214 27.38 -12.58 -2.60
CA HIS B 214 27.09 -11.23 -2.18
C HIS B 214 28.25 -10.30 -2.55
N LYS B 215 28.22 -9.82 -3.80
CA LYS B 215 29.31 -9.01 -4.35
C LYS B 215 29.73 -7.80 -3.50
N PRO B 216 28.78 -7.02 -2.94
CA PRO B 216 29.20 -5.85 -2.17
C PRO B 216 30.13 -6.16 -0.98
N SER B 217 30.21 -7.41 -0.56
CA SER B 217 31.12 -7.80 0.50
C SER B 217 32.09 -8.87 0.04
N ASN B 218 32.12 -9.10 -1.28
CA ASN B 218 32.93 -10.16 -1.88
C ASN B 218 32.70 -11.51 -1.21
N THR B 219 31.48 -11.74 -0.77
CA THR B 219 31.15 -12.95 -0.03
C THR B 219 30.63 -14.06 -0.95
N LYS B 220 31.28 -15.22 -0.88
CA LYS B 220 30.79 -16.42 -1.53
C LYS B 220 30.61 -17.50 -0.48
N VAL B 221 29.40 -18.05 -0.37
CA VAL B 221 29.14 -19.11 0.59
C VAL B 221 28.34 -20.25 -0.03
N ASP B 222 28.85 -21.46 0.13
CA ASP B 222 28.08 -22.66 -0.19
C ASP B 222 27.46 -23.21 1.09
N LYS B 223 26.33 -23.90 0.94
CA LYS B 223 25.69 -24.55 2.07
C LYS B 223 24.98 -25.81 1.59
N LYS B 224 25.49 -26.96 2.02
CA LYS B 224 24.85 -28.23 1.74
C LYS B 224 23.65 -28.41 2.66
N VAL B 225 22.47 -28.59 2.06
CA VAL B 225 21.25 -28.74 2.84
C VAL B 225 20.91 -30.21 3.01
N GLU B 226 20.99 -30.70 4.25
CA GLU B 226 20.77 -32.10 4.56
C GLU B 226 19.54 -32.31 5.43
N PRO B 227 18.91 -33.50 5.34
CA PRO B 227 17.81 -33.84 6.23
C PRO B 227 18.27 -34.03 7.67
N THR C 6 1.56 8.06 8.72
CA THR C 6 2.70 7.80 7.84
C THR C 6 2.34 6.77 6.78
N GLN C 7 1.48 5.82 7.15
CA GLN C 7 1.03 4.77 6.23
C GLN C 7 -0.21 4.08 6.78
N SER C 8 -0.86 3.30 5.91
CA SER C 8 -2.04 2.54 6.31
C SER C 8 -1.67 1.42 7.26
N PRO C 9 -2.52 1.18 8.28
CA PRO C 9 -2.28 0.15 9.29
C PRO C 9 -2.37 -1.27 8.75
N SER C 10 -1.54 -2.16 9.27
CA SER C 10 -1.62 -3.58 8.93
C SER C 10 -2.82 -4.22 9.61
N SER C 11 -3.24 -5.39 9.16
CA SER C 11 -4.45 -6.01 9.66
C SER C 11 -4.21 -7.33 10.39
N LEU C 12 -5.04 -7.59 11.39
CA LEU C 12 -4.97 -8.81 12.17
C LEU C 12 -6.39 -9.32 12.44
N SER C 13 -6.69 -10.53 11.95
CA SER C 13 -8.00 -11.11 12.15
C SER C 13 -8.02 -12.03 13.37
N ALA C 14 -8.99 -11.83 14.24
CA ALA C 14 -9.09 -12.61 15.48
C ALA C 14 -10.52 -12.72 15.96
N SER C 15 -10.76 -13.72 16.81
CA SER C 15 -12.08 -13.95 17.37
C SER C 15 -12.14 -13.48 18.81
N VAL C 16 -13.36 -13.34 19.34
CA VAL C 16 -13.55 -13.03 20.75
C VAL C 16 -12.99 -14.16 21.61
N GLY C 17 -12.19 -13.80 22.61
CA GLY C 17 -11.61 -14.79 23.50
C GLY C 17 -10.21 -15.22 23.08
N ASP C 18 -9.80 -14.79 21.88
CA ASP C 18 -8.45 -15.12 21.39
C ASP C 18 -7.38 -14.38 22.16
N ARG C 19 -6.16 -14.91 22.12
CA ARG C 19 -5.01 -14.25 22.70
C ARG C 19 -4.18 -13.61 21.59
N VAL C 20 -3.86 -12.32 21.75
CA VAL C 20 -3.17 -11.58 20.70
C VAL C 20 -1.94 -10.85 21.25
N THR C 21 -0.82 -11.01 20.55
CA THR C 21 0.42 -10.34 20.93
C THR C 21 0.94 -9.46 19.80
N ILE C 22 1.02 -8.16 20.06
CA ILE C 22 1.52 -7.20 19.08
C ILE C 22 2.97 -6.81 19.38
N THR C 23 3.86 -7.07 18.43
CA THR C 23 5.28 -6.78 18.61
C THR C 23 5.67 -5.44 18.01
N CYS C 24 6.34 -4.61 18.81
CA CYS C 24 6.85 -3.34 18.32
CA CYS C 24 6.86 -3.33 18.34
C CYS C 24 8.38 -3.35 18.32
N ARG C 25 8.95 -3.33 17.12
CA ARG C 25 10.41 -3.36 16.97
C ARG C 25 11.06 -2.10 17.50
N ALA C 26 12.08 -2.28 18.33
CA ALA C 26 12.86 -1.19 18.83
C ALA C 26 13.86 -0.73 17.75
N SER C 27 13.66 0.47 17.24
CA SER C 27 14.46 1.01 16.12
C SER C 27 15.95 1.11 16.49
N GLN C 28 16.33 2.24 17.06
CA GLN C 28 17.70 2.44 17.51
C GLN C 28 17.70 3.16 18.86
N SER C 29 16.63 2.97 19.64
CA SER C 29 16.49 3.60 20.94
C SER C 29 17.51 3.06 21.95
N VAL C 30 17.73 3.83 23.01
CA VAL C 30 18.65 3.46 24.07
C VAL C 30 17.94 3.48 25.42
N SER C 31 16.64 3.22 25.40
CA SER C 31 15.82 3.18 26.61
C SER C 31 14.53 2.39 26.38
N SER C 32 13.97 1.85 27.46
CA SER C 32 12.73 1.08 27.38
C SER C 32 11.52 1.99 27.42
N ALA C 33 11.56 3.07 26.65
CA ALA C 33 10.49 4.06 26.65
C ALA C 33 9.41 3.72 25.64
N VAL C 34 8.36 3.04 26.08
CA VAL C 34 7.28 2.65 25.19
C VAL C 34 5.91 2.98 25.78
N ALA C 35 4.99 3.40 24.91
CA ALA C 35 3.60 3.62 25.29
C ALA C 35 2.69 3.07 24.20
N TRP C 36 1.56 2.51 24.60
CA TRP C 36 0.61 1.92 23.65
C TRP C 36 -0.71 2.68 23.62
N TYR C 37 -1.27 2.84 22.42
CA TYR C 37 -2.51 3.58 22.26
C TYR C 37 -3.54 2.78 21.48
N GLN C 38 -4.82 3.02 21.80
CA GLN C 38 -5.92 2.38 21.10
C GLN C 38 -6.79 3.43 20.44
N GLN C 39 -7.14 3.22 19.18
CA GLN C 39 -7.97 4.18 18.47
C GLN C 39 -9.12 3.52 17.71
N LYS C 40 -10.31 4.04 17.91
CA LYS C 40 -11.49 3.60 17.18
C LYS C 40 -11.85 4.64 16.12
N PRO C 41 -12.48 4.21 15.02
CA PRO C 41 -12.83 5.10 13.90
C PRO C 41 -13.58 6.36 14.33
N GLY C 42 -13.10 7.51 13.87
CA GLY C 42 -13.73 8.79 14.14
C GLY C 42 -13.39 9.39 15.50
N LYS C 43 -12.58 8.69 16.27
CA LYS C 43 -12.28 9.12 17.64
C LYS C 43 -10.79 9.29 17.88
N ALA C 44 -10.46 10.11 18.88
CA ALA C 44 -9.07 10.32 19.29
C ALA C 44 -8.50 9.05 19.90
N PRO C 45 -7.17 8.87 19.79
CA PRO C 45 -6.52 7.72 20.41
C PRO C 45 -6.54 7.80 21.94
N LYS C 46 -6.48 6.65 22.59
CA LYS C 46 -6.49 6.59 24.05
C LYS C 46 -5.26 5.85 24.57
N LEU C 47 -4.63 6.40 25.60
CA LEU C 47 -3.50 5.74 26.24
C LEU C 47 -3.96 4.47 26.96
N LEU C 48 -3.24 3.38 26.75
CA LEU C 48 -3.58 2.10 27.37
C LEU C 48 -2.90 1.94 28.72
N SER C 61 -6.16 -5.18 32.76
CA SER C 61 -6.19 -6.54 33.30
C SER C 61 -5.81 -7.57 32.25
N ARG C 62 -6.54 -7.57 31.13
CA ARG C 62 -6.24 -8.48 30.04
C ARG C 62 -5.15 -7.90 29.15
N PHE C 63 -4.75 -6.67 29.43
CA PHE C 63 -3.70 -5.99 28.69
C PHE C 63 -2.36 -6.10 29.41
N SER C 64 -1.38 -6.73 28.76
CA SER C 64 -0.05 -6.87 29.34
C SER C 64 1.02 -6.36 28.40
N GLY C 65 2.06 -5.74 28.98
CA GLY C 65 3.21 -5.29 28.22
C GLY C 65 4.45 -6.05 28.63
N SER C 66 5.32 -6.34 27.67
CA SER C 66 6.52 -7.11 27.96
C SER C 66 7.67 -6.76 27.01
N ARG C 67 8.77 -7.49 27.13
CA ARG C 67 9.95 -7.24 26.31
C ARG C 67 10.47 -8.51 25.63
N SER C 68 10.23 -8.61 24.32
CA SER C 68 10.72 -9.74 23.55
C SER C 68 12.09 -9.41 22.96
N GLY C 69 13.14 -9.88 23.61
CA GLY C 69 14.50 -9.50 23.26
C GLY C 69 14.70 -8.03 23.59
N THR C 70 14.92 -7.22 22.57
CA THR C 70 15.03 -5.77 22.77
C THR C 70 13.75 -5.06 22.36
N ASP C 71 12.83 -5.82 21.77
CA ASP C 71 11.59 -5.26 21.24
C ASP C 71 10.50 -5.18 22.30
N PHE C 72 9.47 -4.40 22.02
CA PHE C 72 8.36 -4.24 22.96
C PHE C 72 7.12 -4.96 22.46
N THR C 73 6.40 -5.60 23.36
CA THR C 73 5.18 -6.33 23.00
C THR C 73 3.97 -5.90 23.83
N LEU C 74 2.80 -5.94 23.19
CA LEU C 74 1.54 -5.74 23.88
C LEU C 74 0.68 -6.98 23.71
N THR C 75 0.22 -7.55 24.82
CA THR C 75 -0.57 -8.77 24.77
C THR C 75 -1.97 -8.59 25.34
N ILE C 76 -2.97 -9.01 24.58
CA ILE C 76 -4.34 -9.06 25.06
C ILE C 76 -4.75 -10.51 25.29
N SER C 77 -4.87 -10.90 26.55
CA SER C 77 -5.08 -12.29 26.92
C SER C 77 -6.37 -12.87 26.37
N SER C 78 -7.45 -12.10 26.42
CA SER C 78 -8.75 -12.55 25.92
C SER C 78 -9.53 -11.39 25.32
N LEU C 79 -9.64 -11.38 24.00
CA LEU C 79 -10.26 -10.27 23.28
C LEU C 79 -11.74 -10.09 23.57
N GLN C 80 -12.10 -8.89 24.00
CA GLN C 80 -13.50 -8.50 24.15
C GLN C 80 -13.92 -7.73 22.89
N PRO C 81 -15.22 -7.67 22.61
CA PRO C 81 -15.71 -6.92 21.44
C PRO C 81 -15.22 -5.47 21.40
N GLU C 82 -15.00 -4.89 22.58
CA GLU C 82 -14.53 -3.50 22.68
C GLU C 82 -13.05 -3.36 22.33
N ASP C 83 -12.35 -4.48 22.22
CA ASP C 83 -10.91 -4.47 21.98
C ASP C 83 -10.56 -4.36 20.50
N PHE C 84 -11.55 -4.51 19.63
CA PHE C 84 -11.28 -4.47 18.21
C PHE C 84 -11.12 -3.04 17.72
N ALA C 85 -9.87 -2.68 17.41
CA ALA C 85 -9.50 -1.32 17.03
C ALA C 85 -8.10 -1.29 16.45
N THR C 86 -7.58 -0.10 16.21
CA THR C 86 -6.21 0.05 15.73
C THR C 86 -5.28 0.41 16.90
N TYR C 87 -4.16 -0.30 16.99
CA TYR C 87 -3.21 -0.09 18.08
C TYR C 87 -1.91 0.51 17.58
N TYR C 88 -1.39 1.49 18.32
CA TYR C 88 -0.15 2.16 17.96
C TYR C 88 0.91 2.06 19.05
N CYS C 89 2.13 1.70 18.66
CA CYS C 89 3.24 1.69 19.60
CA CYS C 89 3.27 1.67 19.58
C CYS C 89 4.00 3.00 19.50
N GLN C 90 4.31 3.60 20.65
CA GLN C 90 4.98 4.88 20.69
C GLN C 90 6.29 4.83 21.48
N GLN C 91 7.36 5.32 20.87
CA GLN C 91 8.66 5.37 21.54
C GLN C 91 9.12 6.82 21.70
N TYR C 92 9.54 7.17 22.91
CA TYR C 92 10.03 8.52 23.18
C TYR C 92 11.47 8.50 23.65
N SER C 93 12.11 9.67 23.68
CA SER C 93 13.57 9.75 23.80
C SER C 93 14.18 10.23 25.13
N TYR C 94 13.70 11.30 25.79
CA TYR C 94 12.48 12.04 25.50
C TYR C 94 12.79 13.43 24.92
N SER C 95 13.41 13.46 23.75
CA SER C 95 13.65 14.70 23.02
C SER C 95 12.81 14.72 21.75
N LEU C 96 12.24 13.56 21.43
CA LEU C 96 11.39 13.41 20.26
C LEU C 96 10.48 12.20 20.42
N VAL C 97 9.40 12.15 19.63
CA VAL C 97 8.41 11.10 19.74
C VAL C 97 8.18 10.43 18.39
N THR C 98 8.01 9.11 18.40
CA THR C 98 7.77 8.36 17.16
C THR C 98 6.64 7.35 17.31
N PHE C 99 5.65 7.44 16.43
CA PHE C 99 4.59 6.43 16.37
C PHE C 99 4.94 5.35 15.35
N GLY C 100 4.70 4.10 15.71
CA GLY C 100 4.87 3.00 14.78
C GLY C 100 3.65 2.86 13.89
N GLN C 101 3.73 1.98 12.90
CA GLN C 101 2.59 1.71 12.04
C GLN C 101 1.44 1.10 12.85
N GLY C 102 0.21 1.46 12.50
CA GLY C 102 -0.95 0.95 13.21
C GLY C 102 -1.17 -0.53 12.96
N THR C 103 -1.72 -1.21 13.96
CA THR C 103 -2.12 -2.60 13.80
C THR C 103 -3.62 -2.71 14.07
N LYS C 104 -4.40 -2.86 13.02
CA LYS C 104 -5.85 -2.96 13.14
C LYS C 104 -6.27 -4.37 13.46
N VAL C 105 -6.86 -4.56 14.64
CA VAL C 105 -7.36 -5.88 15.04
C VAL C 105 -8.81 -6.04 14.59
N GLU C 106 -9.02 -7.03 13.72
CA GLU C 106 -10.31 -7.22 13.07
C GLU C 106 -11.05 -8.46 13.57
N ILE C 107 -12.38 -8.42 13.54
CA ILE C 107 -13.20 -9.53 13.99
C ILE C 107 -13.28 -10.65 12.95
N LYS C 108 -12.85 -11.85 13.34
CA LYS C 108 -12.93 -13.00 12.46
C LYS C 108 -14.34 -13.59 12.47
N ARG C 109 -14.84 -13.92 11.28
CA ARG C 109 -16.12 -14.61 11.14
C ARG C 109 -16.07 -15.54 9.94
N THR C 110 -17.15 -16.29 9.72
CA THR C 110 -17.22 -17.20 8.58
C THR C 110 -17.23 -16.43 7.26
N VAL C 111 -16.68 -17.03 6.23
CA VAL C 111 -16.66 -16.43 4.90
C VAL C 111 -18.07 -16.13 4.41
N ALA C 112 -18.27 -14.92 3.89
CA ALA C 112 -19.57 -14.51 3.38
C ALA C 112 -19.43 -13.92 1.99
N ALA C 113 -20.07 -14.56 1.01
CA ALA C 113 -20.00 -14.09 -0.37
C ALA C 113 -20.81 -12.80 -0.56
N PRO C 114 -20.25 -11.85 -1.32
CA PRO C 114 -20.92 -10.58 -1.55
C PRO C 114 -22.09 -10.67 -2.52
N SER C 115 -23.12 -9.87 -2.29
CA SER C 115 -24.16 -9.65 -3.29
C SER C 115 -23.76 -8.41 -4.09
N VAL C 116 -23.93 -8.46 -5.41
CA VAL C 116 -23.41 -7.40 -6.27
C VAL C 116 -24.51 -6.65 -7.00
N PHE C 117 -24.37 -5.33 -7.07
CA PHE C 117 -25.32 -4.46 -7.74
C PHE C 117 -24.58 -3.43 -8.59
N ILE C 118 -25.09 -3.12 -9.77
CA ILE C 118 -24.50 -2.08 -10.60
C ILE C 118 -25.51 -0.95 -10.82
N PHE C 119 -25.01 0.27 -10.93
CA PHE C 119 -25.87 1.44 -11.13
C PHE C 119 -25.38 2.29 -12.29
N PRO C 120 -26.21 2.41 -13.34
CA PRO C 120 -25.91 3.31 -14.45
C PRO C 120 -25.93 4.76 -13.99
N PRO C 121 -25.21 5.65 -14.70
CA PRO C 121 -25.28 7.07 -14.33
C PRO C 121 -26.67 7.64 -14.61
N SER C 122 -27.14 8.51 -13.73
CA SER C 122 -28.45 9.12 -13.89
C SER C 122 -28.47 10.06 -15.08
N ASP C 123 -29.65 10.40 -15.57
CA ASP C 123 -29.81 11.36 -16.64
C ASP C 123 -29.32 12.73 -16.20
N SER C 124 -29.52 13.03 -14.91
CA SER C 124 -29.10 14.31 -14.36
C SER C 124 -27.58 14.46 -14.37
N GLN C 125 -26.85 13.36 -14.21
CA GLN C 125 -25.40 13.45 -14.23
C GLN C 125 -24.89 13.62 -15.65
N LEU C 126 -25.51 12.93 -16.59
CA LEU C 126 -25.16 13.08 -18.01
C LEU C 126 -25.39 14.52 -18.45
N LYS C 127 -26.46 15.13 -17.94
CA LYS C 127 -26.74 16.53 -18.17
C LYS C 127 -25.61 17.40 -17.64
N SER C 128 -25.00 16.96 -16.54
CA SER C 128 -23.92 17.69 -15.89
C SER C 128 -22.59 17.54 -16.62
N GLY C 129 -22.52 16.58 -17.55
CA GLY C 129 -21.34 16.41 -18.37
C GLY C 129 -20.40 15.30 -17.93
N THR C 130 -20.81 14.54 -16.92
CA THR C 130 -20.00 13.43 -16.42
C THR C 130 -20.81 12.14 -16.34
N ALA C 131 -20.11 11.01 -16.35
CA ALA C 131 -20.76 9.71 -16.24
C ALA C 131 -20.03 8.80 -15.25
N SER C 132 -20.65 8.59 -14.09
CA SER C 132 -20.10 7.69 -13.09
C SER C 132 -20.91 6.41 -13.01
N VAL C 133 -20.24 5.27 -13.13
CA VAL C 133 -20.89 3.98 -12.97
C VAL C 133 -20.46 3.36 -11.64
N VAL C 134 -21.44 2.97 -10.83
CA VAL C 134 -21.15 2.48 -9.49
C VAL C 134 -21.45 0.99 -9.33
N CYS C 135 -20.46 0.26 -8.84
CA CYS C 135 -20.61 -1.16 -8.52
C CYS C 135 -20.63 -1.33 -7.00
N LEU C 136 -21.68 -1.94 -6.48
CA LEU C 136 -21.80 -2.14 -5.04
C LEU C 136 -21.61 -3.61 -4.66
N LEU C 137 -20.77 -3.84 -3.65
CA LEU C 137 -20.59 -5.16 -3.06
C LEU C 137 -21.09 -5.11 -1.62
N ASN C 138 -22.14 -5.87 -1.34
CA ASN C 138 -22.81 -5.74 -0.04
C ASN C 138 -22.58 -6.93 0.89
N ASN C 139 -22.26 -6.63 2.14
CA ASN C 139 -22.23 -7.60 3.23
C ASN C 139 -21.39 -8.85 2.97
N PHE C 140 -20.07 -8.69 2.93
CA PHE C 140 -19.20 -9.82 2.66
C PHE C 140 -18.05 -9.94 3.66
N TYR C 141 -17.39 -11.09 3.65
CA TYR C 141 -16.20 -11.34 4.48
C TYR C 141 -15.40 -12.47 3.85
N PRO C 142 -14.07 -12.34 3.80
CA PRO C 142 -13.23 -11.26 4.35
C PRO C 142 -13.26 -9.96 3.54
N ARG C 143 -12.56 -8.95 4.06
CA ARG C 143 -12.54 -7.62 3.46
C ARG C 143 -12.01 -7.62 2.02
N GLU C 144 -11.03 -8.47 1.75
CA GLU C 144 -10.36 -8.49 0.45
C GLU C 144 -11.29 -8.94 -0.67
N ALA C 145 -11.51 -8.05 -1.64
CA ALA C 145 -12.32 -8.36 -2.80
C ALA C 145 -11.78 -7.62 -4.02
N LYS C 146 -11.90 -8.26 -5.18
CA LYS C 146 -11.41 -7.66 -6.42
C LYS C 146 -12.55 -7.29 -7.36
N VAL C 147 -12.50 -6.07 -7.89
CA VAL C 147 -13.49 -5.63 -8.86
C VAL C 147 -12.83 -5.22 -10.16
N GLN C 148 -13.23 -5.86 -11.26
CA GLN C 148 -12.72 -5.53 -12.58
C GLN C 148 -13.82 -4.95 -13.46
N TRP C 149 -13.55 -3.80 -14.07
CA TRP C 149 -14.53 -3.16 -14.94
C TRP C 149 -14.33 -3.55 -16.40
N LYS C 150 -15.45 -3.67 -17.12
CA LYS C 150 -15.40 -3.96 -18.54
C LYS C 150 -16.29 -3.00 -19.33
N VAL C 151 -15.74 -2.44 -20.40
CA VAL C 151 -16.49 -1.56 -21.28
C VAL C 151 -16.42 -2.09 -22.71
N ASP C 152 -17.58 -2.52 -23.22
CA ASP C 152 -17.65 -3.22 -24.50
C ASP C 152 -16.68 -4.39 -24.53
N ASN C 153 -16.70 -5.17 -23.45
CA ASN C 153 -15.87 -6.37 -23.30
C ASN C 153 -14.36 -6.05 -23.20
N ALA C 154 -14.03 -4.77 -23.01
CA ALA C 154 -12.64 -4.39 -22.83
C ALA C 154 -12.33 -4.16 -21.35
N LEU C 155 -11.35 -4.89 -20.84
CA LEU C 155 -10.95 -4.77 -19.44
C LEU C 155 -10.35 -3.40 -19.15
N GLN C 156 -10.87 -2.74 -18.13
CA GLN C 156 -10.45 -1.38 -17.79
C GLN C 156 -9.39 -1.35 -16.69
N SER C 157 -8.62 -0.28 -16.68
CA SER C 157 -7.67 -0.02 -15.60
C SER C 157 -7.28 1.45 -15.60
N GLY C 158 -7.21 2.04 -14.41
CA GLY C 158 -6.77 3.42 -14.27
C GLY C 158 -7.88 4.44 -14.26
N ASN C 159 -9.12 3.99 -14.41
CA ASN C 159 -10.26 4.91 -14.39
C ASN C 159 -11.34 4.53 -13.39
N SER C 160 -10.94 3.82 -12.33
CA SER C 160 -11.88 3.47 -11.26
C SER C 160 -11.22 3.65 -9.89
N GLN C 161 -12.07 3.78 -8.86
CA GLN C 161 -11.59 3.90 -7.49
C GLN C 161 -12.50 3.14 -6.53
N GLU C 162 -11.90 2.50 -5.53
CA GLU C 162 -12.67 1.70 -4.57
C GLU C 162 -12.77 2.37 -3.21
N SER C 163 -13.77 1.95 -2.43
CA SER C 163 -13.97 2.45 -1.07
C SER C 163 -14.64 1.36 -0.23
N VAL C 164 -14.16 1.19 1.00
CA VAL C 164 -14.65 0.11 1.86
C VAL C 164 -15.14 0.64 3.20
N THR C 165 -16.27 0.11 3.66
CA THR C 165 -16.82 0.48 4.96
C THR C 165 -16.00 -0.15 6.08
N GLU C 166 -16.22 0.33 7.30
CA GLU C 166 -15.69 -0.33 8.48
C GLU C 166 -16.50 -1.60 8.71
N GLN C 167 -16.01 -2.48 9.57
CA GLN C 167 -16.71 -3.72 9.84
C GLN C 167 -18.05 -3.46 10.51
N ASP C 168 -19.11 -4.06 9.97
CA ASP C 168 -20.46 -3.88 10.48
C ASP C 168 -20.58 -4.35 11.93
N SER C 169 -21.20 -3.53 12.78
CA SER C 169 -21.30 -3.83 14.20
C SER C 169 -22.14 -5.07 14.46
N LYS C 170 -23.12 -5.34 13.59
CA LYS C 170 -24.06 -6.42 13.81
C LYS C 170 -23.55 -7.78 13.32
N ASP C 171 -23.16 -7.87 12.06
CA ASP C 171 -22.76 -9.17 11.50
C ASP C 171 -21.28 -9.24 11.10
N SER C 172 -20.52 -8.20 11.43
CA SER C 172 -19.08 -8.16 11.21
C SER C 172 -18.68 -8.33 9.74
N THR C 173 -19.55 -7.89 8.83
CA THR C 173 -19.26 -7.97 7.40
C THR C 173 -18.79 -6.62 6.87
N TYR C 174 -18.33 -6.62 5.62
CA TYR C 174 -17.90 -5.40 4.96
C TYR C 174 -18.79 -5.11 3.76
N SER C 175 -18.77 -3.85 3.32
CA SER C 175 -19.37 -3.48 2.05
C SER C 175 -18.37 -2.62 1.27
N LEU C 176 -18.43 -2.71 -0.05
CA LEU C 176 -17.45 -2.04 -0.90
C LEU C 176 -18.14 -1.37 -2.09
N SER C 177 -17.64 -0.19 -2.46
CA SER C 177 -18.12 0.48 -3.65
C SER C 177 -16.97 0.66 -4.64
N SER C 178 -17.23 0.41 -5.91
CA SER C 178 -16.27 0.67 -6.97
C SER C 178 -16.91 1.58 -8.01
N THR C 179 -16.28 2.73 -8.25
CA THR C 179 -16.85 3.72 -9.14
C THR C 179 -16.03 3.91 -10.42
N LEU C 180 -16.66 3.64 -11.55
CA LEU C 180 -16.03 3.88 -12.84
C LEU C 180 -16.39 5.28 -13.33
N THR C 181 -15.38 6.10 -13.59
CA THR C 181 -15.62 7.47 -14.04
C THR C 181 -15.16 7.70 -15.48
N LEU C 182 -16.12 8.03 -16.34
CA LEU C 182 -15.83 8.34 -17.73
C LEU C 182 -16.35 9.73 -18.08
N SER C 183 -15.83 10.30 -19.15
CA SER C 183 -16.41 11.52 -19.70
C SER C 183 -17.76 11.18 -20.30
N LYS C 184 -18.63 12.17 -20.43
CA LYS C 184 -19.94 11.95 -21.03
C LYS C 184 -19.79 11.48 -22.47
N ALA C 185 -18.82 12.06 -23.18
CA ALA C 185 -18.60 11.76 -24.58
C ALA C 185 -18.25 10.28 -24.81
N ASP C 186 -17.30 9.77 -24.05
CA ASP C 186 -16.88 8.37 -24.21
C ASP C 186 -17.95 7.42 -23.71
N TYR C 187 -18.73 7.84 -22.73
CA TYR C 187 -19.79 6.99 -22.18
C TYR C 187 -20.85 6.70 -23.24
N GLU C 188 -21.15 7.69 -24.06
CA GLU C 188 -22.17 7.56 -25.10
C GLU C 188 -21.63 6.80 -26.32
N LYS C 189 -20.31 6.57 -26.34
CA LYS C 189 -19.69 5.87 -27.46
C LYS C 189 -19.68 4.36 -27.27
N HIS C 190 -19.93 3.92 -26.04
CA HIS C 190 -19.95 2.49 -25.73
C HIS C 190 -21.34 2.06 -25.29
N LYS C 191 -21.58 0.75 -25.30
CA LYS C 191 -22.92 0.22 -25.02
C LYS C 191 -22.98 -0.67 -23.78
N VAL C 192 -22.03 -1.58 -23.65
CA VAL C 192 -22.07 -2.57 -22.56
C VAL C 192 -21.11 -2.24 -21.43
N TYR C 193 -21.66 -2.06 -20.24
CA TYR C 193 -20.88 -1.74 -19.04
C TYR C 193 -21.06 -2.80 -17.98
N ALA C 194 -19.95 -3.29 -17.43
CA ALA C 194 -20.01 -4.40 -16.47
C ALA C 194 -18.91 -4.31 -15.42
N CYS C 195 -19.23 -4.77 -14.21
CA CYS C 195 -18.23 -4.94 -13.17
C CYS C 195 -18.16 -6.40 -12.77
N GLU C 196 -16.95 -6.95 -12.68
CA GLU C 196 -16.76 -8.35 -12.35
C GLU C 196 -16.10 -8.51 -10.99
N VAL C 197 -16.72 -9.30 -10.12
CA VAL C 197 -16.28 -9.40 -8.73
C VAL C 197 -15.64 -10.75 -8.40
N THR C 198 -14.45 -10.69 -7.82
CA THR C 198 -13.75 -11.87 -7.32
C THR C 198 -13.63 -11.80 -5.81
N HIS C 199 -13.88 -12.91 -5.13
CA HIS C 199 -13.86 -12.94 -3.67
C HIS C 199 -13.66 -14.37 -3.16
N GLN C 200 -13.19 -14.48 -1.92
CA GLN C 200 -12.96 -15.77 -1.26
C GLN C 200 -14.18 -16.68 -1.32
N GLY C 201 -15.37 -16.09 -1.13
CA GLY C 201 -16.60 -16.85 -1.10
C GLY C 201 -17.21 -17.14 -2.46
N LEU C 202 -16.54 -16.70 -3.52
CA LEU C 202 -17.05 -16.89 -4.88
C LEU C 202 -16.18 -17.85 -5.68
N SER C 203 -16.73 -19.01 -6.02
CA SER C 203 -16.01 -20.02 -6.79
C SER C 203 -15.83 -19.56 -8.23
N SER C 204 -16.76 -18.75 -8.71
CA SER C 204 -16.66 -18.14 -10.03
C SER C 204 -16.96 -16.65 -9.91
N PRO C 205 -16.34 -15.83 -10.76
CA PRO C 205 -16.57 -14.38 -10.71
C PRO C 205 -18.05 -14.03 -10.93
N VAL C 206 -18.55 -13.07 -10.16
CA VAL C 206 -19.92 -12.60 -10.35
C VAL C 206 -19.90 -11.29 -11.13
N THR C 207 -20.65 -11.26 -12.23
CA THR C 207 -20.70 -10.09 -13.08
C THR C 207 -22.09 -9.45 -13.06
N LYS C 208 -22.13 -8.13 -12.90
CA LYS C 208 -23.35 -7.36 -13.10
C LYS C 208 -23.11 -6.38 -14.23
N SER C 209 -24.11 -6.23 -15.10
CA SER C 209 -23.93 -5.39 -16.28
C SER C 209 -25.20 -4.68 -16.70
N PHE C 210 -25.08 -3.73 -17.62
CA PHE C 210 -26.24 -3.09 -18.23
C PHE C 210 -25.89 -2.58 -19.61
N ASN C 211 -26.91 -2.40 -20.43
CA ASN C 211 -26.73 -1.82 -21.75
C ASN C 211 -27.21 -0.37 -21.76
N ARG C 212 -26.34 0.54 -22.18
CA ARG C 212 -26.68 1.96 -22.25
C ARG C 212 -27.89 2.16 -23.16
N GLY C 213 -28.86 2.92 -22.67
CA GLY C 213 -30.08 3.19 -23.43
C GLY C 213 -31.28 2.45 -22.89
N GLU D 4 -12.14 17.42 36.22
CA GLU D 4 -12.14 16.77 34.92
C GLU D 4 -11.18 17.44 33.95
N VAL D 5 -10.14 16.72 33.54
CA VAL D 5 -9.18 17.23 32.57
C VAL D 5 -9.81 17.27 31.18
N GLN D 6 -9.67 18.40 30.50
CA GLN D 6 -10.28 18.57 29.19
C GLN D 6 -9.55 19.58 28.32
N LEU D 7 -9.16 19.15 27.12
CA LEU D 7 -8.52 20.02 26.14
C LEU D 7 -9.46 20.30 24.98
N VAL D 8 -9.60 21.56 24.61
CA VAL D 8 -10.48 21.95 23.49
C VAL D 8 -9.67 22.62 22.39
N GLU D 9 -9.87 22.16 21.15
CA GLU D 9 -9.10 22.67 20.02
C GLU D 9 -9.93 23.59 19.11
N SER D 10 -9.23 24.44 18.36
CA SER D 10 -9.86 25.34 17.41
C SER D 10 -8.82 25.93 16.46
N GLY D 11 -9.28 26.57 15.39
CA GLY D 11 -8.39 27.23 14.45
C GLY D 11 -8.13 26.43 13.19
N GLY D 12 -8.70 25.24 13.11
CA GLY D 12 -8.53 24.39 11.94
C GLY D 12 -9.35 24.91 10.76
N GLY D 13 -9.07 24.38 9.58
CA GLY D 13 -9.81 24.78 8.40
C GLY D 13 -9.08 24.59 7.08
N LEU D 14 -9.45 25.42 6.11
CA LEU D 14 -8.96 25.29 4.75
C LEU D 14 -7.98 26.40 4.40
N VAL D 15 -6.89 26.03 3.73
CA VAL D 15 -5.85 26.99 3.38
C VAL D 15 -5.19 26.62 2.06
N GLN D 16 -4.57 27.59 1.41
CA GLN D 16 -3.83 27.36 0.18
C GLN D 16 -2.40 26.93 0.49
N PRO D 17 -1.78 26.15 -0.41
CA PRO D 17 -0.37 25.77 -0.25
C PRO D 17 0.54 26.99 -0.12
N GLY D 18 1.33 27.03 0.96
CA GLY D 18 2.16 28.18 1.24
C GLY D 18 1.48 29.12 2.22
N GLY D 19 0.21 28.85 2.49
CA GLY D 19 -0.56 29.66 3.41
C GLY D 19 -0.21 29.37 4.86
N SER D 20 -1.00 29.92 5.78
CA SER D 20 -0.74 29.74 7.20
C SER D 20 -2.02 29.57 8.03
N LEU D 21 -1.89 28.88 9.15
CA LEU D 21 -3.00 28.70 10.08
C LEU D 21 -2.49 28.66 11.51
N ARG D 22 -3.36 28.97 12.46
CA ARG D 22 -3.00 28.93 13.87
C ARG D 22 -3.98 28.08 14.67
N LEU D 23 -3.50 26.96 15.21
CA LEU D 23 -4.33 26.10 16.03
C LEU D 23 -4.20 26.48 17.50
N SER D 24 -5.28 26.29 18.26
CA SER D 24 -5.28 26.60 19.67
C SER D 24 -5.75 25.40 20.49
N CYS D 25 -5.31 25.32 21.74
CA CYS D 25 -5.67 24.21 22.61
C CYS D 25 -5.97 24.67 24.04
N ALA D 26 -7.23 25.01 24.30
CA ALA D 26 -7.63 25.49 25.61
C ALA D 26 -7.72 24.35 26.62
N ALA D 27 -6.98 24.49 27.72
CA ALA D 27 -6.92 23.45 28.75
C ALA D 27 -7.95 23.70 29.85
N SER D 28 -8.46 22.61 30.43
CA SER D 28 -9.42 22.71 31.52
C SER D 28 -9.20 21.58 32.53
N GLY D 29 -9.35 21.90 33.81
CA GLY D 29 -9.14 20.92 34.87
C GLY D 29 -7.69 20.84 35.28
N PHE D 30 -6.84 21.60 34.59
CA PHE D 30 -5.42 21.65 34.88
C PHE D 30 -4.78 22.84 34.20
N ASN D 31 -3.52 23.11 34.51
CA ASN D 31 -2.79 24.19 33.86
C ASN D 31 -1.62 23.65 33.04
N VAL D 32 -1.36 24.30 31.90
CA VAL D 32 -0.35 23.82 30.95
C VAL D 32 1.07 24.12 31.39
N TYR D 33 1.23 24.59 32.62
CA TYR D 33 2.57 24.93 33.13
C TYR D 33 3.29 23.71 33.70
N TYR D 34 2.54 22.76 34.23
CA TYR D 34 3.14 21.61 34.90
C TYR D 34 3.24 20.39 33.99
N TYR D 35 2.89 20.55 32.72
CA TYR D 35 2.84 19.42 31.80
C TYR D 35 3.45 19.71 30.43
N TYR D 36 3.96 18.66 29.80
CA TYR D 36 4.32 18.73 28.39
C TYR D 36 3.05 18.74 27.56
N ILE D 37 3.02 19.57 26.51
CA ILE D 37 1.89 19.58 25.59
C ILE D 37 2.36 19.21 24.19
N HIS D 38 1.70 18.22 23.58
CA HIS D 38 2.11 17.72 22.28
C HIS D 38 1.06 17.98 21.21
N TRP D 39 1.52 18.08 19.96
CA TRP D 39 0.62 18.12 18.82
C TRP D 39 0.84 16.88 17.96
N VAL D 40 -0.24 16.13 17.71
CA VAL D 40 -0.18 14.92 16.92
C VAL D 40 -1.22 14.99 15.80
N ARG D 41 -0.81 14.66 14.58
CA ARG D 41 -1.72 14.72 13.45
C ARG D 41 -1.95 13.36 12.83
N GLN D 42 -3.07 13.22 12.11
CA GLN D 42 -3.41 11.97 11.45
C GLN D 42 -4.06 12.25 10.10
N ALA D 43 -3.33 11.97 9.04
CA ALA D 43 -3.86 12.10 7.68
C ALA D 43 -4.95 11.06 7.46
N PRO D 44 -5.95 11.37 6.63
CA PRO D 44 -7.07 10.46 6.35
C PRO D 44 -6.63 9.06 5.94
N GLY D 45 -7.05 8.06 6.69
CA GLY D 45 -6.75 6.67 6.38
C GLY D 45 -5.35 6.25 6.77
N LYS D 46 -4.58 7.17 7.34
CA LYS D 46 -3.21 6.88 7.72
C LYS D 46 -3.04 6.84 9.24
N GLY D 47 -1.81 6.60 9.69
CA GLY D 47 -1.52 6.46 11.11
C GLY D 47 -1.16 7.77 11.79
N LEU D 48 -0.89 7.68 13.09
CA LEU D 48 -0.56 8.85 13.89
C LEU D 48 0.84 9.36 13.61
N GLU D 49 1.00 10.69 13.56
CA GLU D 49 2.30 11.29 13.36
C GLU D 49 2.53 12.42 14.37
N TRP D 50 3.65 12.34 15.08
CA TRP D 50 4.01 13.37 16.05
C TRP D 50 4.50 14.64 15.33
N VAL D 51 4.09 15.79 15.83
CA VAL D 51 4.43 17.05 15.19
C VAL D 51 5.41 17.88 16.03
N ALA D 52 4.99 18.22 17.25
CA ALA D 52 5.81 19.05 18.13
C ALA D 52 5.39 18.92 19.58
N SER D 53 6.29 19.34 20.48
CA SER D 53 6.02 19.33 21.91
C SER D 53 6.67 20.54 22.58
N ILE D 54 6.06 21.01 23.66
CA ILE D 54 6.60 22.11 24.43
C ILE D 54 6.74 21.69 25.88
N SER D 55 7.94 21.90 26.42
CA SER D 55 8.24 21.54 27.79
C SER D 55 7.51 22.45 28.79
N PRO D 56 7.22 21.92 29.99
CA PRO D 56 6.50 22.68 31.03
C PRO D 56 7.25 23.91 31.55
N TYR D 57 8.54 24.04 31.25
CA TYR D 57 9.32 25.14 31.81
C TYR D 57 9.94 26.06 30.74
N TYR D 58 10.01 25.59 29.51
CA TYR D 58 10.49 26.44 28.42
C TYR D 58 9.99 25.93 27.07
N GLY D 59 10.76 26.19 26.02
CA GLY D 59 10.30 25.89 24.68
C GLY D 59 11.27 25.06 23.87
N TYR D 63 10.11 19.35 17.76
CA TYR D 63 9.61 19.43 16.39
C TYR D 63 10.05 18.21 15.56
N ALA D 64 9.10 17.66 14.80
CA ALA D 64 9.40 16.54 13.92
C ALA D 64 10.22 17.03 12.72
N ASP D 65 10.90 16.11 12.05
CA ASP D 65 11.78 16.46 10.93
C ASP D 65 10.99 16.98 9.73
N SER D 66 9.78 16.45 9.53
CA SER D 66 8.94 16.86 8.41
C SER D 66 8.32 18.23 8.65
N VAL D 67 8.44 18.72 9.87
CA VAL D 67 7.90 20.02 10.23
C VAL D 67 9.02 21.04 10.45
N LYS D 68 9.94 20.72 11.35
CA LYS D 68 11.16 21.50 11.60
C LYS D 68 10.93 23.01 11.69
N GLY D 69 11.40 23.73 10.69
CA GLY D 69 11.34 25.18 10.69
C GLY D 69 10.18 25.74 9.89
N ARG D 70 9.03 25.09 10.00
CA ARG D 70 7.83 25.55 9.31
C ARG D 70 6.69 25.81 10.29
N PHE D 71 6.60 24.98 11.33
CA PHE D 71 5.63 25.21 12.39
C PHE D 71 6.37 25.71 13.64
N THR D 72 5.64 26.37 14.53
CA THR D 72 6.20 26.83 15.79
C THR D 72 5.19 26.64 16.92
N ILE D 73 5.58 25.86 17.93
CA ILE D 73 4.69 25.59 19.05
C ILE D 73 4.90 26.63 20.16
N SER D 74 3.82 26.97 20.85
CA SER D 74 3.87 27.97 21.92
C SER D 74 2.71 27.78 22.89
N ALA D 75 2.68 28.59 23.94
CA ALA D 75 1.64 28.48 24.95
C ALA D 75 1.47 29.77 25.75
N ASP D 76 0.27 29.95 26.30
CA ASP D 76 -0.03 31.09 27.16
C ASP D 76 -0.40 30.57 28.55
N THR D 77 0.46 30.83 29.53
CA THR D 77 0.29 30.28 30.87
C THR D 77 -0.91 30.90 31.61
N SER D 78 -1.12 32.20 31.41
CA SER D 78 -2.23 32.91 32.03
C SER D 78 -3.57 32.22 31.73
N LYS D 79 -4.02 32.36 30.48
CA LYS D 79 -5.14 31.55 30.01
C LYS D 79 -4.57 30.30 29.37
N ASN D 80 -4.47 29.23 30.17
CA ASN D 80 -3.77 28.01 29.77
C ASN D 80 -4.22 27.46 28.42
N THR D 81 -3.51 27.89 27.38
CA THR D 81 -3.82 27.48 26.01
C THR D 81 -2.54 27.27 25.21
N ALA D 82 -2.44 26.12 24.55
CA ALA D 82 -1.30 25.83 23.70
C ALA D 82 -1.60 26.25 22.26
N TYR D 83 -0.55 26.61 21.52
CA TYR D 83 -0.71 27.07 20.15
C TYR D 83 0.21 26.36 19.17
N LEU D 84 -0.27 26.18 17.95
CA LEU D 84 0.55 25.62 16.87
C LEU D 84 0.49 26.53 15.65
N GLN D 85 1.49 27.38 15.50
CA GLN D 85 1.55 28.30 14.37
C GLN D 85 2.12 27.60 13.14
N MET D 86 1.25 27.31 12.17
CA MET D 86 1.66 26.59 10.97
C MET D 86 1.89 27.53 9.79
N ASN D 87 3.12 27.55 9.29
CA ASN D 87 3.48 28.40 8.16
C ASN D 87 4.03 27.58 6.99
N SER D 88 3.94 28.15 5.79
CA SER D 88 4.39 27.49 4.56
C SER D 88 3.78 26.09 4.42
N LEU D 89 2.47 26.01 4.62
CA LEU D 89 1.77 24.74 4.59
C LEU D 89 1.79 24.09 3.21
N ARG D 90 1.89 22.77 3.19
CA ARG D 90 1.84 22.00 1.95
C ARG D 90 0.71 20.99 2.00
N ALA D 91 0.42 20.37 0.86
CA ALA D 91 -0.69 19.42 0.74
C ALA D 91 -0.52 18.22 1.68
N GLU D 92 0.74 17.88 1.98
CA GLU D 92 1.03 16.75 2.85
C GLU D 92 0.70 17.06 4.31
N ASP D 93 0.47 18.33 4.60
CA ASP D 93 0.11 18.76 5.95
C ASP D 93 -1.37 18.54 6.23
N THR D 94 -2.12 18.16 5.20
CA THR D 94 -3.54 17.88 5.35
C THR D 94 -3.77 16.70 6.28
N ALA D 95 -4.43 16.96 7.40
CA ALA D 95 -4.67 15.95 8.42
C ALA D 95 -5.61 16.46 9.50
N VAL D 96 -6.07 15.56 10.36
CA VAL D 96 -6.72 15.94 11.59
C VAL D 96 -5.64 16.16 12.65
N TYR D 97 -5.64 17.34 13.25
CA TYR D 97 -4.62 17.67 14.24
C TYR D 97 -5.14 17.55 15.66
N TYR D 98 -4.41 16.82 16.50
CA TYR D 98 -4.75 16.67 17.91
C TYR D 98 -3.75 17.40 18.79
N CYS D 99 -4.23 17.89 19.93
CA CYS D 99 -3.34 18.35 20.99
C CYS D 99 -3.49 17.40 22.17
N ALA D 100 -2.38 17.08 22.82
CA ALA D 100 -2.41 16.09 23.90
C ALA D 100 -1.52 16.49 25.07
N ARG D 101 -1.93 16.11 26.28
CA ARG D 101 -1.13 16.36 27.46
C ARG D 101 -0.27 15.14 27.79
N TRP D 102 0.98 15.37 28.14
CA TRP D 102 1.87 14.29 28.56
C TRP D 102 2.05 14.30 30.08
N SER D 103 1.89 13.13 30.69
CA SER D 103 2.08 13.00 32.13
C SER D 103 3.30 12.13 32.43
N TYR D 104 4.04 12.49 33.46
CA TYR D 104 5.23 11.74 33.85
C TYR D 104 5.49 11.85 35.35
N SER D 112 2.62 6.43 31.90
CA SER D 112 3.44 7.52 31.37
C SER D 112 3.24 7.68 29.87
N GLY D 113 2.50 8.73 29.48
CA GLY D 113 2.24 9.00 28.08
C GLY D 113 1.14 10.03 27.90
N MET D 114 0.72 10.21 26.64
CA MET D 114 -0.34 11.15 26.33
C MET D 114 -1.68 10.66 26.88
N ASP D 115 -1.97 11.06 28.11
CA ASP D 115 -3.14 10.55 28.83
C ASP D 115 -4.42 11.30 28.50
N TYR D 116 -4.30 12.51 27.96
CA TYR D 116 -5.48 13.28 27.58
C TYR D 116 -5.35 13.90 26.19
N TRP D 117 -6.40 13.79 25.40
CA TRP D 117 -6.41 14.24 24.02
C TRP D 117 -7.53 15.22 23.72
N GLY D 118 -7.27 16.18 22.84
CA GLY D 118 -8.32 17.06 22.35
C GLY D 118 -9.20 16.32 21.36
N GLN D 119 -10.31 16.93 20.99
CA GLN D 119 -11.26 16.26 20.08
C GLN D 119 -10.74 16.26 18.65
N GLY D 120 -9.71 17.06 18.38
CA GLY D 120 -9.10 17.11 17.07
C GLY D 120 -9.76 18.10 16.14
N THR D 121 -8.99 18.64 15.21
CA THR D 121 -9.52 19.59 14.23
C THR D 121 -8.91 19.35 12.85
N LEU D 122 -9.75 19.43 11.83
CA LEU D 122 -9.31 19.13 10.47
C LEU D 122 -8.61 20.32 9.81
N VAL D 123 -7.44 20.05 9.24
CA VAL D 123 -6.72 21.04 8.46
C VAL D 123 -6.56 20.55 7.03
N THR D 124 -7.08 21.30 6.08
CA THR D 124 -6.95 20.94 4.67
C THR D 124 -6.13 21.98 3.92
N VAL D 125 -5.03 21.53 3.32
CA VAL D 125 -4.18 22.41 2.53
C VAL D 125 -4.27 22.02 1.07
N SER D 126 -4.92 22.88 0.27
CA SER D 126 -5.15 22.57 -1.13
C SER D 126 -5.42 23.82 -1.96
N SER D 127 -5.23 23.70 -3.27
CA SER D 127 -5.46 24.80 -4.19
C SER D 127 -6.91 24.84 -4.66
N ALA D 128 -7.66 23.80 -4.31
CA ALA D 128 -9.05 23.69 -4.74
C ALA D 128 -9.95 24.67 -3.99
N SER D 129 -10.96 25.17 -4.69
CA SER D 129 -11.93 26.08 -4.07
C SER D 129 -13.06 25.31 -3.39
N THR D 130 -13.64 25.92 -2.37
CA THR D 130 -14.80 25.35 -1.69
C THR D 130 -15.94 25.17 -2.68
N LYS D 131 -16.51 23.97 -2.71
CA LYS D 131 -17.59 23.67 -3.65
C LYS D 131 -18.56 22.66 -3.07
N GLY D 132 -19.86 22.95 -3.21
CA GLY D 132 -20.90 22.04 -2.76
C GLY D 132 -21.01 20.84 -3.68
N PRO D 133 -21.54 19.73 -3.15
CA PRO D 133 -21.65 18.49 -3.93
C PRO D 133 -22.86 18.46 -4.85
N SER D 134 -22.71 17.80 -6.00
CA SER D 134 -23.85 17.44 -6.82
C SER D 134 -24.30 16.05 -6.39
N VAL D 135 -25.60 15.89 -6.14
CA VAL D 135 -26.11 14.61 -5.69
C VAL D 135 -26.90 13.92 -6.80
N PHE D 136 -26.46 12.71 -7.16
CA PHE D 136 -27.11 11.96 -8.22
C PHE D 136 -27.67 10.65 -7.68
N PRO D 137 -28.86 10.26 -8.15
CA PRO D 137 -29.51 9.04 -7.66
C PRO D 137 -28.86 7.76 -8.18
N LEU D 138 -28.67 6.80 -7.28
CA LEU D 138 -28.34 5.44 -7.67
C LEU D 138 -29.64 4.65 -7.64
N ALA D 139 -30.30 4.59 -8.80
CA ALA D 139 -31.68 4.12 -8.88
C ALA D 139 -31.82 2.62 -8.66
N PRO D 140 -32.86 2.21 -7.93
CA PRO D 140 -33.20 0.79 -7.80
C PRO D 140 -33.72 0.25 -9.12
N SER D 141 -33.56 -1.05 -9.36
CA SER D 141 -34.03 -1.66 -10.59
C SER D 141 -34.40 -3.12 -10.37
N SER D 142 -35.27 -3.63 -11.24
CA SER D 142 -35.71 -5.02 -11.17
C SER D 142 -34.56 -5.97 -11.49
N LYS D 143 -33.51 -5.43 -12.10
CA LYS D 143 -32.32 -6.19 -12.45
C LYS D 143 -31.30 -6.15 -11.32
N SER D 144 -31.51 -5.24 -10.36
CA SER D 144 -30.57 -5.05 -9.28
C SER D 144 -31.13 -5.55 -7.95
N THR D 145 -31.41 -6.84 -7.88
CA THR D 145 -31.91 -7.45 -6.66
C THR D 145 -31.06 -8.63 -6.21
N SER D 146 -31.09 -8.91 -4.92
CA SER D 146 -30.54 -10.15 -4.37
C SER D 146 -31.63 -10.83 -3.56
N GLY D 147 -32.31 -11.80 -4.17
CA GLY D 147 -33.52 -12.34 -3.58
C GLY D 147 -34.57 -11.23 -3.57
N GLY D 148 -35.25 -11.07 -2.44
CA GLY D 148 -36.28 -10.05 -2.32
C GLY D 148 -35.72 -8.69 -1.93
N THR D 149 -34.40 -8.57 -1.94
CA THR D 149 -33.74 -7.34 -1.49
C THR D 149 -33.29 -6.48 -2.67
N ALA D 150 -33.63 -5.19 -2.61
CA ALA D 150 -33.22 -4.24 -3.64
C ALA D 150 -32.21 -3.25 -3.09
N ALA D 151 -31.30 -2.80 -3.95
CA ALA D 151 -30.31 -1.81 -3.56
C ALA D 151 -30.53 -0.48 -4.26
N LEU D 152 -30.25 0.60 -3.56
CA LEU D 152 -30.35 1.94 -4.11
C LEU D 152 -29.43 2.86 -3.32
N GLY D 153 -29.25 4.10 -3.79
CA GLY D 153 -28.41 5.03 -3.08
C GLY D 153 -28.26 6.40 -3.70
N CYS D 154 -27.28 7.14 -3.20
CA CYS D 154 -26.98 8.48 -3.70
C CYS D 154 -25.50 8.66 -3.94
N LEU D 155 -25.15 9.19 -5.10
CA LEU D 155 -23.78 9.56 -5.40
C LEU D 155 -23.53 11.01 -5.03
N VAL D 156 -22.60 11.23 -4.11
CA VAL D 156 -22.28 12.57 -3.63
C VAL D 156 -20.94 13.00 -4.23
N LYS D 157 -21.00 13.72 -5.34
CA LYS D 157 -19.83 13.91 -6.19
C LYS D 157 -19.31 15.36 -6.25
N ASP D 158 -17.99 15.48 -6.31
CA ASP D 158 -17.30 16.76 -6.54
C ASP D 158 -17.59 17.83 -5.49
N TYR D 159 -17.27 17.53 -4.24
CA TYR D 159 -17.38 18.53 -3.18
C TYR D 159 -16.01 18.80 -2.55
N PHE D 160 -15.89 19.94 -1.89
CA PHE D 160 -14.64 20.33 -1.25
C PHE D 160 -14.87 21.43 -0.22
N PRO D 161 -14.27 21.29 0.96
CA PRO D 161 -13.50 20.12 1.38
C PRO D 161 -14.35 19.13 2.19
N GLU D 162 -13.69 18.21 2.87
CA GLU D 162 -14.35 17.36 3.86
C GLU D 162 -14.79 18.25 5.03
N PRO D 163 -15.83 17.83 5.76
CA PRO D 163 -16.61 16.60 5.59
C PRO D 163 -18.00 16.82 5.00
N VAL D 164 -18.67 15.72 4.69
CA VAL D 164 -20.07 15.74 4.30
C VAL D 164 -20.81 14.73 5.15
N THR D 165 -22.08 14.99 5.45
CA THR D 165 -22.88 14.04 6.20
C THR D 165 -24.06 13.57 5.36
N VAL D 166 -24.38 12.29 5.47
CA VAL D 166 -25.50 11.73 4.71
C VAL D 166 -26.46 10.98 5.64
N SER D 167 -27.74 11.29 5.53
CA SER D 167 -28.77 10.53 6.22
C SER D 167 -29.82 10.07 5.22
N TRP D 168 -30.67 9.15 5.65
CA TRP D 168 -31.74 8.65 4.78
C TRP D 168 -33.10 8.85 5.45
N ASN D 169 -34.02 9.47 4.70
CA ASN D 169 -35.34 9.80 5.21
C ASN D 169 -35.28 10.53 6.55
N SER D 170 -34.40 11.53 6.62
CA SER D 170 -34.24 12.36 7.81
C SER D 170 -33.87 11.56 9.07
N GLY D 171 -33.15 10.45 8.87
CA GLY D 171 -32.67 9.66 9.98
C GLY D 171 -33.58 8.51 10.37
N ALA D 172 -34.75 8.44 9.74
CA ALA D 172 -35.71 7.38 10.03
C ALA D 172 -35.22 6.04 9.50
N LEU D 173 -34.37 6.08 8.48
CA LEU D 173 -33.83 4.87 7.87
C LEU D 173 -32.34 4.76 8.11
N THR D 174 -31.94 3.77 8.91
CA THR D 174 -30.53 3.57 9.24
C THR D 174 -30.09 2.13 8.99
N SER D 175 -31.04 1.19 9.08
CA SER D 175 -30.73 -0.22 8.85
C SER D 175 -30.39 -0.47 7.38
N GLY D 176 -29.26 -1.14 7.14
CA GLY D 176 -28.84 -1.47 5.80
C GLY D 176 -28.08 -0.35 5.09
N VAL D 177 -27.98 0.79 5.75
CA VAL D 177 -27.30 1.95 5.18
C VAL D 177 -25.79 1.81 5.22
N HIS D 178 -25.13 2.03 4.08
CA HIS D 178 -23.69 2.09 4.02
C HIS D 178 -23.24 3.39 3.36
N THR D 179 -22.63 4.28 4.15
CA THR D 179 -22.06 5.50 3.62
C THR D 179 -20.54 5.36 3.59
N PHE D 180 -20.00 5.28 2.38
CA PHE D 180 -18.59 4.96 2.19
C PHE D 180 -17.67 6.15 2.46
N PRO D 181 -16.41 5.87 2.87
CA PRO D 181 -15.42 6.92 3.05
C PRO D 181 -15.18 7.67 1.75
N ALA D 182 -14.92 8.97 1.84
CA ALA D 182 -14.70 9.79 0.66
C ALA D 182 -13.40 9.41 -0.04
N VAL D 183 -13.36 9.61 -1.35
CA VAL D 183 -12.13 9.44 -2.11
C VAL D 183 -11.71 10.78 -2.70
N LEU D 184 -10.41 11.06 -2.66
CA LEU D 184 -9.89 12.28 -3.25
C LEU D 184 -9.59 12.04 -4.74
N GLN D 185 -10.41 12.63 -5.60
CA GLN D 185 -10.24 12.46 -7.04
C GLN D 185 -9.04 13.26 -7.55
N SER D 186 -8.69 13.03 -8.81
CA SER D 186 -7.51 13.67 -9.41
C SER D 186 -7.72 15.16 -9.60
N SER D 187 -8.98 15.59 -9.58
CA SER D 187 -9.31 17.00 -9.77
C SER D 187 -9.16 17.81 -8.49
N GLY D 188 -8.98 17.11 -7.37
CA GLY D 188 -8.81 17.76 -6.08
C GLY D 188 -10.11 17.82 -5.29
N LEU D 189 -11.19 17.31 -5.88
CA LEU D 189 -12.48 17.29 -5.23
C LEU D 189 -12.78 15.90 -4.66
N TYR D 190 -13.63 15.84 -3.64
CA TYR D 190 -13.99 14.57 -3.02
C TYR D 190 -15.28 13.99 -3.60
N SER D 191 -15.45 12.69 -3.45
CA SER D 191 -16.66 12.02 -3.89
C SER D 191 -16.90 10.74 -3.09
N LEU D 192 -18.16 10.48 -2.73
CA LEU D 192 -18.51 9.25 -2.06
C LEU D 192 -19.92 8.83 -2.43
N SER D 193 -20.26 7.59 -2.11
CA SER D 193 -21.62 7.10 -2.30
C SER D 193 -22.20 6.64 -0.97
N SER D 194 -23.51 6.78 -0.84
CA SER D 194 -24.24 6.19 0.28
C SER D 194 -25.33 5.30 -0.28
N VAL D 195 -25.34 4.04 0.15
CA VAL D 195 -26.31 3.09 -0.35
C VAL D 195 -27.13 2.47 0.77
N VAL D 196 -28.24 1.84 0.41
CA VAL D 196 -29.08 1.13 1.36
C VAL D 196 -29.77 -0.03 0.66
N THR D 197 -29.94 -1.14 1.36
CA THR D 197 -30.68 -2.26 0.83
C THR D 197 -32.05 -2.36 1.50
N VAL D 198 -33.09 -2.49 0.68
CA VAL D 198 -34.47 -2.51 1.17
C VAL D 198 -35.25 -3.62 0.45
N PRO D 199 -36.36 -4.06 1.06
CA PRO D 199 -37.22 -5.02 0.35
C PRO D 199 -37.77 -4.41 -0.95
N SER D 200 -37.65 -5.15 -2.04
CA SER D 200 -38.12 -4.67 -3.34
C SER D 200 -39.63 -4.49 -3.35
N SER D 201 -40.33 -5.20 -2.47
CA SER D 201 -41.78 -5.10 -2.36
C SER D 201 -42.19 -3.79 -1.72
N SER D 202 -41.25 -3.10 -1.10
CA SER D 202 -41.53 -1.83 -0.43
C SER D 202 -41.39 -0.64 -1.37
N LEU D 203 -40.64 -0.84 -2.46
CA LEU D 203 -40.32 0.24 -3.38
C LEU D 203 -41.54 0.97 -3.95
N GLY D 204 -42.64 0.24 -4.08
CA GLY D 204 -43.86 0.83 -4.62
C GLY D 204 -44.54 1.80 -3.68
N THR D 205 -44.52 1.49 -2.38
CA THR D 205 -45.27 2.25 -1.39
C THR D 205 -44.38 2.95 -0.37
N GLN D 206 -43.11 3.12 -0.70
CA GLN D 206 -42.16 3.77 0.21
C GLN D 206 -41.20 4.67 -0.56
N THR D 207 -41.03 5.90 -0.09
CA THR D 207 -40.11 6.84 -0.72
C THR D 207 -38.76 6.83 -0.01
N TYR D 208 -37.69 7.01 -0.77
CA TYR D 208 -36.35 7.06 -0.21
C TYR D 208 -35.63 8.32 -0.62
N ILE D 209 -35.25 9.11 0.37
CA ILE D 209 -34.56 10.38 0.14
C ILE D 209 -33.27 10.44 0.93
N CYS D 210 -32.16 10.70 0.24
CA CYS D 210 -30.90 10.90 0.94
C CYS D 210 -30.72 12.38 1.26
N ASN D 211 -30.44 12.67 2.53
CA ASN D 211 -30.22 14.03 2.97
C ASN D 211 -28.72 14.31 3.07
N VAL D 212 -28.22 15.13 2.15
CA VAL D 212 -26.79 15.42 2.08
C VAL D 212 -26.48 16.79 2.64
N ASN D 213 -25.61 16.84 3.65
CA ASN D 213 -25.24 18.09 4.29
C ASN D 213 -23.75 18.40 4.14
N HIS D 214 -23.45 19.50 3.47
CA HIS D 214 -22.07 19.94 3.31
C HIS D 214 -21.89 21.32 3.94
N LYS D 215 -21.64 21.34 5.25
CA LYS D 215 -21.50 22.57 6.02
C LYS D 215 -20.43 23.55 5.50
N PRO D 216 -19.26 23.05 5.05
CA PRO D 216 -18.25 24.01 4.59
C PRO D 216 -18.69 24.88 3.39
N SER D 217 -19.72 24.45 2.67
CA SER D 217 -20.18 25.23 1.52
C SER D 217 -21.62 25.71 1.70
N ASN D 218 -22.15 25.54 2.91
CA ASN D 218 -23.53 25.90 3.23
C ASN D 218 -24.53 25.21 2.29
N THR D 219 -24.22 23.98 1.92
CA THR D 219 -25.05 23.24 0.97
C THR D 219 -25.88 22.16 1.66
N LYS D 220 -27.19 22.23 1.45
CA LYS D 220 -28.10 21.19 1.91
C LYS D 220 -28.92 20.64 0.74
N VAL D 221 -28.75 19.36 0.45
CA VAL D 221 -29.45 18.75 -0.68
C VAL D 221 -30.23 17.50 -0.25
N ASP D 222 -31.50 17.45 -0.64
CA ASP D 222 -32.32 16.26 -0.45
C ASP D 222 -32.69 15.67 -1.82
N LYS D 223 -32.22 14.46 -2.09
CA LYS D 223 -32.48 13.82 -3.37
C LYS D 223 -33.34 12.57 -3.21
N LYS D 224 -34.49 12.55 -3.86
CA LYS D 224 -35.35 11.38 -3.85
C LYS D 224 -34.83 10.34 -4.83
N VAL D 225 -34.85 9.08 -4.42
CA VAL D 225 -34.33 8.00 -5.26
C VAL D 225 -35.44 7.03 -5.65
N GLU D 226 -35.70 6.93 -6.95
CA GLU D 226 -36.79 6.12 -7.46
C GLU D 226 -36.37 5.42 -8.77
N PRO D 227 -37.06 4.33 -9.14
CA PRO D 227 -36.77 3.69 -10.42
C PRO D 227 -37.18 4.55 -11.61
ZN ZN E . 8.14 -23.02 -9.75
ZN ZN F . -25.36 -4.01 3.79
#